data_6BVI
#
_entry.id   6BVI
#
_cell.length_a   184.323
_cell.length_b   184.323
_cell.length_c   179.091
_cell.angle_alpha   90.00
_cell.angle_beta   90.00
_cell.angle_gamma   90.00
#
_symmetry.space_group_name_H-M   'I 4 2 2'
#
loop_
_entity.id
_entity.type
_entity.pdbx_description
1 polymer 'GTPase HRas'
2 polymer 'Son of sevenless homolog 1'
3 polymer 'GTPase HRas'
4 non-polymer 'PHOSPHOAMINOPHOSPHONIC ACID-GUANYLATE ESTER'
5 non-polymer 'MAGNESIUM ION'
6 non-polymer 6-chloro-N-{1-[(5-chloro-1H-indol-3-yl)methyl]piperidin-4-yl}-L-tryptophanamide
7 non-polymer 'FORMIC ACID'
8 non-polymer GLYCEROL
9 non-polymer 'SODIUM ION'
10 water water
#
loop_
_entity_poly.entity_id
_entity_poly.type
_entity_poly.pdbx_seq_one_letter_code
_entity_poly.pdbx_strand_id
1 'polypeptide(L)'
;GMTEYKLVVVGAGGVGKSALTIQLIQNHFVDEYDPTIEDSYRKQVVIDGET(CSO)LLDILDTAGQEEASAMRDQYMRTG
EGFLCVFAINNTKSFEDIHQYREQIKRVKDSDDVPMVLVGNKCDLAARTVESRQAQDLARSYGIPYIETSAKTRQGVEDA
FYTLVREIRQH
;
A
2 'polypeptide(L)'
;GQMRLPSADVYRFAEPDSEENIIFEENMQPKAGIPIIKAGTVIKLIERLTYHMYADPNFVRTFLTTYRSFCKPQELLSLI
IERFEIPEPEPTEADRIAIENGDQPLSAELKRFRKEYIQPVQLRVLNVCRHWVEHHFYDFERDAYLLQRMEEFIGTVRGK
AMKKWVESITKIIQRKKIARDNGPGHNITFQSSPPTVEWHISRPGHIETFDLLTLHPIEIARQLTLLESDLYRAVQPSEL
VGSVWTKEDKEINSPNLLKMIRHTTNLTLWFEKCIVETENLEERVAVVSRIIEILQVFQELNNFNGVLEVVSAMNSSPVY
RLDHTFEQIPSRQKKILEEAHELSEDHYKKYLAKLRSINPPCVPFFGIYLTNILKTEEGNPEVLKRHGKELINFSKRRKV
AEITGEIQQYQNQPYCLRVESDIKRFFENLNPMGNSMEKEFTDYLFNKSLEIEPRNPKPLPRFPKKYSYPLKSPGVRPSN
PR
;
B
3 'polypeptide(L)'
;GMTEYKLVVVGAGGVGKSALTIQLIQNHFVDEYDPTIEDSYRKQVVIDGETCLLDILDTAGQEEYSAMRDQYMRTGEGFL
CVFAINNTKSFEDIHQYREQIKRVKDSDDVPMVLVGNKCDLAARTVESRQAQDLARSYGIPYIETSAKTRQGVEDAFYTL
VREIRQH
;
C
#
# COMPACT_ATOMS: atom_id res chain seq x y z
N MET A 2 -13.46 7.97 9.24
CA MET A 2 -13.86 7.22 8.05
C MET A 2 -14.76 6.03 8.39
N THR A 3 -16.02 6.15 7.98
CA THR A 3 -16.96 5.05 8.14
C THR A 3 -16.74 4.03 7.03
N GLU A 4 -16.84 2.76 7.38
CA GLU A 4 -16.69 1.67 6.41
C GLU A 4 -18.07 1.13 6.04
N TYR A 5 -18.29 0.89 4.74
CA TYR A 5 -19.57 0.36 4.24
C TYR A 5 -19.33 -0.92 3.46
N LYS A 6 -20.10 -1.96 3.76
CA LYS A 6 -19.97 -3.25 3.09
C LYS A 6 -21.08 -3.38 2.03
N LEU A 7 -20.70 -3.21 0.76
CA LEU A 7 -21.64 -3.30 -0.35
C LEU A 7 -21.46 -4.63 -1.06
N VAL A 8 -22.57 -5.22 -1.51
CA VAL A 8 -22.54 -6.49 -2.22
C VAL A 8 -23.28 -6.32 -3.54
N VAL A 9 -22.68 -6.77 -4.63
CA VAL A 9 -23.26 -6.67 -5.97
C VAL A 9 -23.76 -8.06 -6.38
N VAL A 10 -25.07 -8.20 -6.64
CA VAL A 10 -25.69 -9.49 -6.94
C VAL A 10 -26.53 -9.37 -8.21
N GLY A 11 -26.81 -10.53 -8.81
CA GLY A 11 -27.59 -10.59 -10.04
C GLY A 11 -27.16 -11.77 -10.90
N ALA A 12 -27.96 -12.03 -11.93
CA ALA A 12 -27.73 -13.17 -12.82
C ALA A 12 -26.38 -13.08 -13.54
N GLY A 13 -25.91 -14.23 -14.01
CA GLY A 13 -24.65 -14.27 -14.72
C GLY A 13 -24.65 -13.42 -15.98
N GLY A 14 -23.59 -12.64 -16.16
CA GLY A 14 -23.39 -11.88 -17.38
C GLY A 14 -24.08 -10.55 -17.45
N VAL A 15 -24.70 -10.08 -16.37
CA VAL A 15 -25.42 -8.81 -16.45
C VAL A 15 -24.48 -7.61 -16.36
N GLY A 16 -23.25 -7.81 -15.91
CA GLY A 16 -22.27 -6.74 -15.79
C GLY A 16 -21.89 -6.34 -14.37
N LYS A 17 -22.06 -7.22 -13.38
CA LYS A 17 -21.69 -6.87 -12.00
C LYS A 17 -20.20 -6.54 -11.92
N SER A 18 -19.36 -7.38 -12.51
CA SER A 18 -17.92 -7.13 -12.46
C SER A 18 -17.55 -5.89 -13.26
N ALA A 19 -18.13 -5.72 -14.44
CA ALA A 19 -17.80 -4.54 -15.25
C ALA A 19 -18.20 -3.25 -14.53
N LEU A 20 -19.36 -3.24 -13.89
CA LEU A 20 -19.76 -2.08 -13.09
C LEU A 20 -18.75 -1.81 -11.98
N THR A 21 -18.34 -2.85 -11.27
CA THR A 21 -17.44 -2.66 -10.13
C THR A 21 -16.07 -2.16 -10.58
N ILE A 22 -15.53 -2.75 -11.64
CA ILE A 22 -14.20 -2.34 -12.12
C ILE A 22 -14.24 -0.94 -12.74
N GLN A 23 -15.34 -0.57 -13.40
CA GLN A 23 -15.50 0.80 -13.84
C GLN A 23 -15.46 1.78 -12.65
N LEU A 24 -16.16 1.46 -11.56
CA LEU A 24 -16.13 2.30 -10.38
C LEU A 24 -14.72 2.38 -9.79
N ILE A 25 -14.03 1.23 -9.69
CA ILE A 25 -12.77 1.18 -8.97
C ILE A 25 -11.63 1.74 -9.81
N GLN A 26 -11.58 1.39 -11.10
CA GLN A 26 -10.42 1.69 -11.94
C GLN A 26 -10.71 2.61 -13.12
N ASN A 27 -11.96 3.02 -13.33
CA ASN A 27 -12.32 3.83 -14.50
C ASN A 27 -11.99 3.12 -15.81
N HIS A 28 -12.14 1.79 -15.82
CA HIS A 28 -11.79 0.95 -16.96
C HIS A 28 -12.98 0.02 -17.27
N PHE A 29 -13.30 -0.14 -18.55
CA PHE A 29 -14.35 -1.07 -18.98
C PHE A 29 -13.75 -2.40 -19.41
N VAL A 30 -14.21 -3.49 -18.80
CA VAL A 30 -13.74 -4.84 -19.12
C VAL A 30 -14.61 -5.41 -20.24
N ASP A 31 -13.97 -5.74 -21.37
CA ASP A 31 -14.69 -6.34 -22.50
C ASP A 31 -14.90 -7.83 -22.33
N GLU A 32 -13.97 -8.51 -21.64
CA GLU A 32 -14.05 -9.94 -21.46
C GLU A 32 -15.16 -10.32 -20.49
N TYR A 33 -15.66 -11.54 -20.66
CA TYR A 33 -16.68 -12.13 -19.79
C TYR A 33 -15.98 -13.30 -19.11
N ASP A 34 -15.34 -13.02 -17.96
CA ASP A 34 -14.71 -14.00 -17.10
C ASP A 34 -15.62 -14.22 -15.89
N PRO A 35 -16.35 -15.32 -15.81
CA PRO A 35 -17.31 -15.48 -14.70
C PRO A 35 -16.63 -15.47 -13.34
N THR A 36 -17.23 -14.71 -12.43
CA THR A 36 -16.68 -14.49 -11.10
C THR A 36 -17.02 -15.65 -10.18
N ILE A 37 -16.10 -15.94 -9.26
CA ILE A 37 -16.42 -16.82 -8.12
C ILE A 37 -16.72 -15.92 -6.93
N GLU A 38 -15.73 -15.17 -6.46
CA GLU A 38 -15.99 -14.06 -5.53
C GLU A 38 -14.75 -13.17 -5.49
N ASP A 39 -14.97 -11.86 -5.68
CA ASP A 39 -13.88 -10.89 -5.70
C ASP A 39 -14.24 -9.77 -4.73
N SER A 40 -13.21 -9.08 -4.25
N SER A 40 -13.23 -9.08 -4.21
CA SER A 40 -13.35 -8.00 -3.29
CA SER A 40 -13.52 -7.96 -3.31
C SER A 40 -12.59 -6.78 -3.78
C SER A 40 -12.57 -6.80 -3.59
N TYR A 41 -13.13 -5.59 -3.47
CA TYR A 41 -12.47 -4.34 -3.81
C TYR A 41 -12.66 -3.33 -2.67
N ARG A 42 -11.75 -2.37 -2.57
CA ARG A 42 -11.89 -1.28 -1.61
C ARG A 42 -11.72 0.05 -2.32
N LYS A 43 -12.47 1.06 -1.84
CA LYS A 43 -12.42 2.40 -2.43
C LYS A 43 -12.66 3.45 -1.36
N GLN A 44 -11.69 4.34 -1.16
CA GLN A 44 -11.89 5.54 -0.35
C GLN A 44 -12.49 6.63 -1.22
N VAL A 45 -13.58 7.25 -0.75
CA VAL A 45 -14.27 8.25 -1.57
C VAL A 45 -15.06 9.17 -0.65
N VAL A 46 -15.14 10.46 -1.03
CA VAL A 46 -15.92 11.43 -0.27
C VAL A 46 -17.33 11.48 -0.87
N ILE A 47 -18.34 11.23 -0.03
CA ILE A 47 -19.73 11.21 -0.45
C ILE A 47 -20.49 12.17 0.46
N ASP A 48 -21.16 13.16 -0.13
CA ASP A 48 -21.87 14.18 0.64
C ASP A 48 -20.97 14.79 1.71
N GLY A 49 -19.73 15.07 1.34
CA GLY A 49 -18.77 15.72 2.21
C GLY A 49 -18.17 14.87 3.30
N GLU A 50 -18.45 13.56 3.31
CA GLU A 50 -17.95 12.69 4.35
C GLU A 50 -17.10 11.60 3.72
N THR A 51 -15.89 11.41 4.24
CA THR A 51 -15.02 10.38 3.69
C THR A 51 -15.45 9.01 4.14
N LEU A 53 -14.98 4.49 3.36
CA LEU A 53 -14.27 3.38 2.79
C LEU A 53 -15.29 2.36 2.37
N LEU A 54 -15.41 2.13 1.06
CA LEU A 54 -16.34 1.13 0.55
C LEU A 54 -15.62 -0.20 0.41
N ASP A 55 -16.19 -1.26 0.99
CA ASP A 55 -15.78 -2.63 0.71
C ASP A 55 -16.82 -3.22 -0.22
N ILE A 56 -16.42 -3.61 -1.42
CA ILE A 56 -17.38 -4.04 -2.44
C ILE A 56 -17.11 -5.51 -2.73
N LEU A 57 -18.13 -6.35 -2.49
CA LEU A 57 -18.04 -7.78 -2.79
C LEU A 57 -18.73 -8.02 -4.12
N ASP A 58 -17.99 -8.59 -5.07
CA ASP A 58 -18.50 -8.89 -6.41
C ASP A 58 -18.77 -10.39 -6.47
N THR A 59 -20.03 -10.79 -6.69
CA THR A 59 -20.43 -12.17 -6.45
C THR A 59 -20.65 -12.92 -7.77
N ALA A 60 -20.87 -14.23 -7.62
CA ALA A 60 -21.06 -15.13 -8.77
C ALA A 60 -22.51 -15.14 -9.22
N GLY A 61 -22.74 -14.89 -10.50
CA GLY A 61 -24.08 -15.00 -11.06
C GLY A 61 -24.39 -16.36 -11.66
N GLN A 62 -23.39 -17.17 -11.98
CA GLN A 62 -23.67 -18.46 -12.62
C GLN A 62 -24.46 -19.36 -11.67
N GLU A 63 -25.41 -20.11 -12.24
CA GLU A 63 -26.30 -20.91 -11.40
C GLU A 63 -25.54 -21.99 -10.62
N GLU A 64 -24.40 -22.43 -11.14
CA GLU A 64 -23.62 -23.46 -10.47
C GLU A 64 -23.14 -23.01 -9.08
N ALA A 65 -23.11 -21.71 -8.81
CA ALA A 65 -22.71 -21.21 -7.50
C ALA A 65 -23.91 -20.83 -6.62
N SER A 66 -25.13 -21.22 -7.00
CA SER A 66 -26.32 -20.68 -6.36
C SER A 66 -26.50 -21.17 -4.91
N ALA A 67 -25.81 -22.23 -4.49
CA ALA A 67 -25.94 -22.72 -3.12
C ALA A 67 -24.94 -22.08 -2.16
N MET A 68 -24.18 -21.07 -2.60
CA MET A 68 -23.10 -20.51 -1.80
C MET A 68 -23.34 -19.06 -1.41
N ARG A 69 -24.61 -18.61 -1.40
CA ARG A 69 -24.89 -17.18 -1.25
C ARG A 69 -25.12 -16.73 0.19
N ASP A 70 -25.66 -17.59 1.06
CA ASP A 70 -25.98 -17.14 2.42
C ASP A 70 -24.78 -16.49 3.09
N GLN A 71 -23.58 -17.05 2.87
CA GLN A 71 -22.39 -16.57 3.57
C GLN A 71 -22.07 -15.12 3.21
N TYR A 72 -22.28 -14.71 1.95
CA TYR A 72 -21.98 -13.30 1.67
C TYR A 72 -23.17 -12.40 1.99
N MET A 73 -24.39 -12.92 1.98
CA MET A 73 -25.53 -12.08 2.32
C MET A 73 -25.54 -11.73 3.80
N ARG A 74 -24.98 -12.60 4.64
CA ARG A 74 -24.90 -12.31 6.07
C ARG A 74 -24.00 -11.10 6.33
N THR A 75 -22.91 -10.97 5.58
CA THR A 75 -21.93 -9.92 5.87
C THR A 75 -22.31 -8.58 5.27
N GLY A 76 -23.08 -8.56 4.19
CA GLY A 76 -23.32 -7.31 3.47
C GLY A 76 -24.28 -6.39 4.21
N GLU A 77 -23.99 -5.09 4.13
N GLU A 77 -24.01 -5.08 4.09
CA GLU A 77 -24.89 -4.08 4.67
CA GLU A 77 -24.87 -4.06 4.67
C GLU A 77 -25.91 -3.64 3.63
C GLU A 77 -25.82 -3.42 3.66
N GLY A 78 -25.52 -3.54 2.37
CA GLY A 78 -26.42 -3.05 1.33
C GLY A 78 -26.13 -3.80 0.05
N PHE A 79 -27.15 -3.91 -0.81
CA PHE A 79 -27.03 -4.75 -1.99
C PHE A 79 -27.41 -4.00 -3.25
N LEU A 80 -26.54 -4.04 -4.26
N LEU A 80 -26.57 -4.11 -4.27
CA LEU A 80 -26.91 -3.63 -5.61
CA LEU A 80 -26.87 -3.64 -5.63
C LEU A 80 -27.47 -4.85 -6.32
C LEU A 80 -27.44 -4.82 -6.41
N CYS A 81 -28.75 -4.77 -6.72
CA CYS A 81 -29.43 -5.87 -7.40
C CYS A 81 -29.46 -5.56 -8.89
N VAL A 82 -28.61 -6.23 -9.66
CA VAL A 82 -28.33 -5.87 -11.04
C VAL A 82 -29.02 -6.85 -12.00
N PHE A 83 -29.68 -6.29 -13.02
CA PHE A 83 -30.09 -7.06 -14.20
C PHE A 83 -29.61 -6.29 -15.43
N ALA A 84 -29.74 -6.91 -16.60
CA ALA A 84 -29.38 -6.23 -17.85
C ALA A 84 -30.66 -5.91 -18.63
N ILE A 85 -30.73 -4.68 -19.17
CA ILE A 85 -31.98 -4.24 -19.78
C ILE A 85 -32.25 -4.91 -21.12
N ASN A 86 -31.30 -5.72 -21.63
CA ASN A 86 -31.53 -6.51 -22.83
C ASN A 86 -31.66 -8.00 -22.53
N ASN A 87 -31.94 -8.36 -21.27
N ASN A 87 -32.00 -8.35 -21.28
CA ASN A 87 -32.07 -9.77 -20.90
CA ASN A 87 -32.07 -9.74 -20.83
C ASN A 87 -33.24 -9.91 -19.93
C ASN A 87 -33.26 -9.88 -19.87
N THR A 88 -34.40 -10.31 -20.46
N THR A 88 -34.41 -10.26 -20.40
CA THR A 88 -35.61 -10.40 -19.65
CA THR A 88 -35.61 -10.36 -19.56
C THR A 88 -35.44 -11.41 -18.52
C THR A 88 -35.46 -11.42 -18.49
N LYS A 89 -34.76 -12.52 -18.77
CA LYS A 89 -34.59 -13.54 -17.74
C LYS A 89 -33.83 -12.99 -16.53
N SER A 90 -32.81 -12.15 -16.76
CA SER A 90 -32.10 -11.57 -15.62
C SER A 90 -33.00 -10.67 -14.79
N PHE A 91 -33.97 -10.00 -15.43
CA PHE A 91 -34.91 -9.20 -14.68
C PHE A 91 -35.84 -10.10 -13.85
N GLU A 92 -36.30 -11.20 -14.43
CA GLU A 92 -37.12 -12.14 -13.67
C GLU A 92 -36.35 -12.79 -12.52
N ASP A 93 -35.02 -12.86 -12.62
CA ASP A 93 -34.22 -13.43 -11.52
C ASP A 93 -34.09 -12.48 -10.33
N ILE A 94 -34.40 -11.19 -10.49
CA ILE A 94 -34.20 -10.23 -9.40
C ILE A 94 -34.96 -10.63 -8.15
N HIS A 95 -36.21 -11.08 -8.30
CA HIS A 95 -37.01 -11.29 -7.10
C HIS A 95 -36.46 -12.44 -6.27
N GLN A 96 -35.81 -13.42 -6.90
N GLN A 96 -35.78 -13.40 -6.89
CA GLN A 96 -35.16 -14.48 -6.12
CA GLN A 96 -35.16 -14.48 -6.13
C GLN A 96 -34.07 -13.90 -5.22
C GLN A 96 -34.01 -13.98 -5.26
N TYR A 97 -33.23 -13.01 -5.76
CA TYR A 97 -32.19 -12.41 -4.95
C TYR A 97 -32.79 -11.57 -3.82
N ARG A 98 -33.82 -10.78 -4.14
CA ARG A 98 -34.48 -9.96 -3.14
C ARG A 98 -35.03 -10.81 -2.00
N GLU A 99 -35.68 -11.92 -2.34
CA GLU A 99 -36.28 -12.75 -1.31
C GLU A 99 -35.23 -13.47 -0.48
N GLN A 100 -34.14 -13.94 -1.11
CA GLN A 100 -33.10 -14.60 -0.35
C GLN A 100 -32.41 -13.63 0.60
N ILE A 101 -32.13 -12.40 0.15
CA ILE A 101 -31.50 -11.43 1.04
C ILE A 101 -32.39 -11.17 2.25
N LYS A 102 -33.69 -11.01 2.03
CA LYS A 102 -34.61 -10.76 3.14
C LYS A 102 -34.64 -11.93 4.12
N ARG A 103 -34.62 -13.16 3.60
N ARG A 103 -34.61 -13.16 3.60
CA ARG A 103 -34.63 -14.32 4.51
CA ARG A 103 -34.63 -14.34 4.46
C ARG A 103 -33.36 -14.38 5.33
C ARG A 103 -33.36 -14.45 5.30
N VAL A 104 -32.20 -14.27 4.66
CA VAL A 104 -30.92 -14.43 5.36
C VAL A 104 -30.76 -13.36 6.43
N LYS A 105 -31.05 -12.12 6.10
CA LYS A 105 -30.87 -11.04 7.06
C LYS A 105 -32.08 -10.89 7.98
N ASP A 106 -33.11 -11.71 7.79
CA ASP A 106 -34.31 -11.70 8.62
C ASP A 106 -34.84 -10.28 8.78
N SER A 107 -35.04 -9.62 7.64
CA SER A 107 -35.38 -8.21 7.65
C SER A 107 -36.13 -7.84 6.38
N ASP A 108 -37.17 -7.03 6.56
CA ASP A 108 -37.95 -6.43 5.47
C ASP A 108 -37.36 -5.10 5.02
N ASP A 109 -36.28 -4.64 5.64
CA ASP A 109 -35.79 -3.27 5.48
C ASP A 109 -34.28 -3.26 5.25
N VAL A 110 -33.83 -3.98 4.23
CA VAL A 110 -32.40 -4.04 3.88
C VAL A 110 -32.08 -2.98 2.83
N PRO A 111 -31.03 -2.18 3.01
CA PRO A 111 -30.64 -1.21 1.97
C PRO A 111 -30.37 -1.91 0.64
N MET A 112 -31.07 -1.46 -0.41
N MET A 112 -31.06 -1.46 -0.41
CA MET A 112 -30.92 -2.03 -1.74
CA MET A 112 -30.90 -2.05 -1.73
C MET A 112 -31.12 -0.95 -2.80
C MET A 112 -31.14 -0.97 -2.79
N VAL A 113 -30.52 -1.17 -3.96
CA VAL A 113 -30.79 -0.36 -5.15
C VAL A 113 -31.00 -1.32 -6.31
N LEU A 114 -32.04 -1.08 -7.13
CA LEU A 114 -32.27 -1.86 -8.33
C LEU A 114 -31.50 -1.21 -9.49
N VAL A 115 -30.67 -2.00 -10.19
CA VAL A 115 -29.80 -1.48 -11.24
C VAL A 115 -30.12 -2.18 -12.55
N GLY A 116 -30.49 -1.39 -13.56
CA GLY A 116 -30.66 -1.89 -14.91
C GLY A 116 -29.46 -1.54 -15.77
N ASN A 117 -28.58 -2.51 -16.01
CA ASN A 117 -27.28 -2.25 -16.63
C ASN A 117 -27.35 -2.45 -18.15
N LYS A 118 -26.26 -2.02 -18.81
CA LYS A 118 -26.10 -2.07 -20.28
C LYS A 118 -27.02 -1.08 -20.98
N CYS A 119 -27.25 0.08 -20.37
CA CYS A 119 -28.18 1.05 -20.97
C CYS A 119 -27.58 1.77 -22.18
N ASP A 120 -26.32 1.49 -22.54
CA ASP A 120 -25.73 1.98 -23.78
C ASP A 120 -26.25 1.22 -25.00
N LEU A 121 -26.86 0.06 -24.82
CA LEU A 121 -27.30 -0.76 -25.93
C LEU A 121 -28.71 -0.34 -26.34
N ALA A 122 -28.92 -0.20 -27.66
CA ALA A 122 -30.21 0.26 -28.15
C ALA A 122 -31.30 -0.79 -27.96
N ALA A 123 -30.96 -2.07 -28.13
CA ALA A 123 -31.95 -3.15 -28.22
C ALA A 123 -32.41 -3.60 -26.82
N ARG A 124 -33.19 -2.74 -26.19
CA ARG A 124 -33.75 -3.00 -24.86
C ARG A 124 -34.92 -3.97 -24.94
N THR A 125 -34.99 -4.91 -23.97
CA THR A 125 -36.15 -5.78 -23.84
C THR A 125 -36.90 -5.65 -22.52
N VAL A 126 -36.33 -4.99 -21.52
CA VAL A 126 -37.02 -4.67 -20.27
C VAL A 126 -37.26 -3.17 -20.26
N GLU A 127 -38.52 -2.75 -20.21
CA GLU A 127 -38.84 -1.34 -20.22
C GLU A 127 -38.60 -0.71 -18.85
N SER A 128 -38.19 0.57 -18.85
CA SER A 128 -37.91 1.27 -17.60
C SER A 128 -39.11 1.23 -16.67
N ARG A 129 -40.32 1.36 -17.22
CA ARG A 129 -41.52 1.39 -16.39
C ARG A 129 -41.70 0.09 -15.62
N GLN A 130 -41.50 -1.06 -16.27
CA GLN A 130 -41.64 -2.33 -15.57
C GLN A 130 -40.64 -2.43 -14.42
N ALA A 131 -39.41 -1.98 -14.63
CA ALA A 131 -38.41 -2.04 -13.56
C ALA A 131 -38.75 -1.04 -12.46
N GLN A 132 -39.19 0.16 -12.84
CA GLN A 132 -39.56 1.15 -11.83
C GLN A 132 -40.72 0.66 -10.97
N ASP A 133 -41.70 -0.02 -11.59
CA ASP A 133 -42.81 -0.56 -10.81
C ASP A 133 -42.31 -1.55 -9.75
N LEU A 134 -41.38 -2.42 -10.14
CA LEU A 134 -40.81 -3.38 -9.20
C LEU A 134 -40.08 -2.69 -8.07
N ALA A 135 -39.25 -1.70 -8.42
CA ALA A 135 -38.51 -0.95 -7.40
C ALA A 135 -39.48 -0.30 -6.41
N ARG A 136 -40.55 0.32 -6.89
CA ARG A 136 -41.51 0.95 -5.98
C ARG A 136 -42.12 -0.09 -5.04
N SER A 137 -42.39 -1.29 -5.54
CA SER A 137 -42.96 -2.35 -4.71
C SER A 137 -41.98 -2.78 -3.62
N TYR A 138 -40.68 -2.61 -3.85
CA TYR A 138 -39.64 -2.90 -2.86
C TYR A 138 -39.30 -1.69 -2.00
N GLY A 139 -39.79 -0.49 -2.35
CA GLY A 139 -39.40 0.70 -1.62
C GLY A 139 -38.00 1.20 -1.88
N ILE A 140 -37.44 0.95 -3.07
CA ILE A 140 -36.04 1.27 -3.35
C ILE A 140 -35.94 2.03 -4.68
N PRO A 141 -34.85 2.76 -4.88
CA PRO A 141 -34.68 3.47 -6.15
C PRO A 141 -34.24 2.54 -7.27
N TYR A 142 -34.48 3.00 -8.50
CA TYR A 142 -34.08 2.30 -9.71
C TYR A 142 -33.15 3.20 -10.50
N ILE A 143 -31.98 2.68 -10.85
CA ILE A 143 -30.96 3.47 -11.55
C ILE A 143 -30.47 2.66 -12.76
N GLU A 144 -30.54 3.25 -13.95
CA GLU A 144 -30.00 2.59 -15.14
C GLU A 144 -28.56 3.02 -15.34
N THR A 145 -27.73 2.05 -15.72
CA THR A 145 -26.28 2.22 -15.75
C THR A 145 -25.70 1.66 -17.04
N SER A 146 -24.49 2.13 -17.35
CA SER A 146 -23.64 1.49 -18.35
C SER A 146 -22.22 1.41 -17.80
N ALA A 147 -21.75 0.18 -17.59
CA ALA A 147 -20.35 0.01 -17.21
C ALA A 147 -19.42 0.44 -18.34
N LYS A 148 -19.92 0.47 -19.58
CA LYS A 148 -19.10 0.83 -20.72
C LYS A 148 -18.87 2.33 -20.80
N THR A 149 -19.92 3.14 -20.63
CA THR A 149 -19.81 4.59 -20.78
C THR A 149 -19.65 5.33 -19.46
N ARG A 150 -19.90 4.67 -18.32
CA ARG A 150 -19.94 5.21 -16.96
C ARG A 150 -21.28 5.84 -16.60
N GLN A 151 -22.22 5.95 -17.54
CA GLN A 151 -23.53 6.53 -17.19
C GLN A 151 -24.12 5.84 -15.98
N GLY A 152 -24.49 6.64 -14.97
CA GLY A 152 -25.19 6.13 -13.79
C GLY A 152 -24.37 5.34 -12.79
N VAL A 153 -23.08 5.07 -13.05
CA VAL A 153 -22.34 4.12 -12.22
C VAL A 153 -22.10 4.69 -10.82
N GLU A 154 -21.57 5.91 -10.72
CA GLU A 154 -21.40 6.52 -9.40
C GLU A 154 -22.74 6.69 -8.70
N ASP A 155 -23.78 7.09 -9.45
CA ASP A 155 -25.10 7.27 -8.85
C ASP A 155 -25.61 5.99 -8.20
N ALA A 156 -25.42 4.85 -8.87
CA ALA A 156 -25.92 3.59 -8.30
C ALA A 156 -25.19 3.25 -7.01
N PHE A 157 -23.86 3.26 -7.02
CA PHE A 157 -23.12 2.86 -5.83
C PHE A 157 -23.30 3.87 -4.71
N TYR A 158 -23.26 5.17 -5.01
CA TYR A 158 -23.31 6.14 -3.94
C TYR A 158 -24.73 6.32 -3.40
N THR A 159 -25.75 6.05 -4.23
CA THR A 159 -27.11 5.98 -3.67
C THR A 159 -27.22 4.85 -2.65
N LEU A 160 -26.61 3.70 -2.92
CA LEU A 160 -26.63 2.61 -1.95
C LEU A 160 -25.94 3.02 -0.66
N VAL A 161 -24.80 3.72 -0.75
CA VAL A 161 -24.13 4.20 0.46
C VAL A 161 -25.07 5.08 1.27
N ARG A 162 -25.76 6.01 0.61
CA ARG A 162 -26.67 6.89 1.34
C ARG A 162 -27.77 6.10 2.04
N GLU A 163 -28.21 4.99 1.45
N GLU A 163 -28.26 5.02 1.41
CA GLU A 163 -29.27 4.22 2.10
CA GLU A 163 -29.26 4.18 2.05
C GLU A 163 -28.76 3.41 3.29
C GLU A 163 -28.71 3.56 3.33
N ILE A 164 -27.51 2.98 3.25
CA ILE A 164 -26.90 2.37 4.43
C ILE A 164 -26.70 3.41 5.51
N ARG A 165 -26.26 4.62 5.13
CA ARG A 165 -25.99 5.67 6.10
C ARG A 165 -27.26 6.06 6.86
N GLN A 166 -28.40 6.11 6.16
CA GLN A 166 -29.66 6.54 6.77
C GLN A 166 -30.43 5.39 7.40
N HIS A 167 -29.92 4.17 7.31
CA HIS A 167 -30.62 2.98 7.81
C HIS A 167 -30.76 2.98 9.33
N GLY B 1 -27.73 -32.58 11.70
CA GLY B 1 -26.36 -32.88 12.06
C GLY B 1 -25.37 -32.38 11.02
N GLN B 2 -24.11 -32.23 11.42
CA GLN B 2 -23.08 -31.85 10.48
C GLN B 2 -22.81 -32.99 9.50
N MET B 3 -22.29 -32.63 8.33
CA MET B 3 -21.88 -33.64 7.38
C MET B 3 -20.71 -34.43 7.93
N ARG B 4 -20.72 -35.72 7.69
CA ARG B 4 -19.53 -36.50 7.94
C ARG B 4 -18.47 -36.19 6.87
N LEU B 5 -17.22 -36.42 7.23
CA LEU B 5 -16.06 -36.06 6.43
C LEU B 5 -15.29 -37.30 6.02
N PRO B 6 -14.44 -37.23 5.00
CA PRO B 6 -13.54 -38.34 4.71
C PRO B 6 -12.65 -38.62 5.92
N SER B 7 -12.14 -39.84 5.98
CA SER B 7 -11.15 -40.18 6.98
C SER B 7 -9.92 -39.31 6.82
N ALA B 8 -9.41 -38.77 7.93
CA ALA B 8 -8.21 -37.94 7.87
C ALA B 8 -7.01 -38.72 7.35
N ASP B 9 -7.08 -40.05 7.35
CA ASP B 9 -6.01 -40.87 6.80
C ASP B 9 -5.96 -40.81 5.27
N VAL B 10 -7.10 -40.65 4.61
CA VAL B 10 -7.11 -40.52 3.15
C VAL B 10 -7.21 -39.07 2.68
N TYR B 11 -7.58 -38.14 3.56
CA TYR B 11 -7.74 -36.74 3.15
C TYR B 11 -7.32 -35.86 4.32
N ARG B 12 -6.13 -35.26 4.20
CA ARG B 12 -5.48 -34.62 5.34
C ARG B 12 -6.26 -33.43 5.88
N PHE B 13 -7.09 -32.80 5.05
CA PHE B 13 -7.80 -31.59 5.45
C PHE B 13 -9.05 -31.88 6.27
N ALA B 14 -9.28 -33.12 6.68
CA ALA B 14 -10.40 -33.45 7.55
C ALA B 14 -9.99 -33.62 9.01
N GLU B 15 -8.72 -33.39 9.34
CA GLU B 15 -8.28 -33.47 10.72
C GLU B 15 -9.02 -32.42 11.56
N PRO B 16 -9.46 -32.77 12.77
CA PRO B 16 -10.16 -31.77 13.58
C PRO B 16 -9.26 -30.62 14.00
N ASP B 17 -9.87 -29.43 14.10
CA ASP B 17 -9.18 -28.28 14.66
C ASP B 17 -8.75 -28.57 16.09
N SER B 18 -7.52 -28.16 16.43
CA SER B 18 -7.07 -28.20 17.81
C SER B 18 -6.03 -27.11 17.97
N GLU B 19 -5.71 -26.78 19.23
CA GLU B 19 -4.66 -25.79 19.45
C GLU B 19 -3.28 -26.29 19.02
N GLU B 20 -3.13 -27.57 18.71
CA GLU B 20 -1.88 -28.04 18.13
C GLU B 20 -1.78 -27.76 16.64
N ASN B 21 -2.86 -27.33 15.98
CA ASN B 21 -2.76 -27.03 14.56
C ASN B 21 -3.41 -25.72 14.10
N ILE B 22 -4.19 -25.03 14.94
CA ILE B 22 -4.76 -23.74 14.55
C ILE B 22 -5.12 -22.95 15.82
N ILE B 23 -4.84 -21.64 15.81
CA ILE B 23 -5.18 -20.74 16.90
C ILE B 23 -5.92 -19.54 16.31
N PHE B 24 -7.08 -19.22 16.87
CA PHE B 24 -7.87 -18.08 16.39
C PHE B 24 -7.65 -16.87 17.27
N GLU B 25 -7.77 -15.69 16.67
CA GLU B 25 -7.81 -14.46 17.43
C GLU B 25 -9.11 -14.38 18.25
N GLU B 26 -9.05 -13.63 19.33
CA GLU B 26 -10.25 -13.34 20.13
C GLU B 26 -11.13 -12.33 19.39
N GLY B 33 -19.08 -12.33 10.79
CA GLY B 33 -18.61 -13.03 11.97
C GLY B 33 -17.83 -14.29 11.65
N ILE B 34 -16.90 -14.18 10.71
CA ILE B 34 -16.04 -15.32 10.41
C ILE B 34 -14.80 -15.25 11.29
N PRO B 35 -14.20 -16.38 11.63
CA PRO B 35 -13.04 -16.36 12.53
C PRO B 35 -11.82 -15.76 11.85
N ILE B 36 -10.94 -15.21 12.67
CA ILE B 36 -9.68 -14.61 12.24
C ILE B 36 -8.54 -15.47 12.79
N ILE B 37 -7.65 -15.90 11.92
CA ILE B 37 -6.63 -16.89 12.29
C ILE B 37 -5.40 -16.16 12.81
N LYS B 38 -4.94 -16.54 14.00
CA LYS B 38 -3.68 -16.04 14.53
C LYS B 38 -2.49 -16.87 14.05
N ALA B 39 -2.60 -18.19 14.06
CA ALA B 39 -1.50 -19.07 13.70
C ALA B 39 -2.08 -20.42 13.28
N GLY B 40 -1.30 -21.16 12.50
CA GLY B 40 -1.72 -22.53 12.19
C GLY B 40 -0.68 -23.25 11.34
N THR B 41 -0.90 -24.55 11.18
CA THR B 41 -0.09 -25.30 10.22
C THR B 41 -0.46 -24.88 8.81
N VAL B 42 0.42 -25.18 7.84
CA VAL B 42 0.11 -24.82 6.46
C VAL B 42 -1.14 -25.56 5.99
N ILE B 43 -1.33 -26.82 6.43
CA ILE B 43 -2.54 -27.57 6.06
C ILE B 43 -3.79 -26.86 6.56
N LYS B 44 -3.77 -26.39 7.81
CA LYS B 44 -4.95 -25.70 8.34
C LYS B 44 -5.17 -24.35 7.66
N LEU B 45 -4.09 -23.63 7.33
CA LEU B 45 -4.27 -22.37 6.60
C LEU B 45 -4.93 -22.61 5.25
N ILE B 46 -4.52 -23.66 4.54
CA ILE B 46 -5.09 -23.92 3.22
C ILE B 46 -6.54 -24.41 3.35
N GLU B 47 -6.84 -25.18 4.40
CA GLU B 47 -8.22 -25.57 4.65
C GLU B 47 -9.12 -24.35 4.80
N ARG B 48 -8.70 -23.39 5.63
CA ARG B 48 -9.53 -22.22 5.85
C ARG B 48 -9.50 -21.25 4.68
N LEU B 49 -8.45 -21.31 3.86
CA LEU B 49 -8.38 -20.53 2.64
C LEU B 49 -9.47 -20.94 1.66
N THR B 50 -9.92 -22.18 1.76
CA THR B 50 -10.84 -22.80 0.82
C THR B 50 -11.99 -23.47 1.56
N TYR B 51 -12.51 -22.79 2.57
CA TYR B 51 -13.40 -23.41 3.55
C TYR B 51 -14.80 -23.63 2.99
N HIS B 52 -15.43 -24.75 3.38
CA HIS B 52 -16.72 -25.05 2.78
C HIS B 52 -17.86 -24.16 3.29
N MET B 53 -17.69 -23.54 4.47
CA MET B 53 -18.80 -22.79 5.07
C MET B 53 -18.87 -21.34 4.61
N TYR B 54 -17.76 -20.76 4.14
CA TYR B 54 -17.78 -19.35 3.80
C TYR B 54 -16.60 -19.03 2.90
N ALA B 55 -16.75 -17.95 2.14
CA ALA B 55 -15.66 -17.36 1.37
C ALA B 55 -14.98 -16.27 2.18
N ASP B 56 -13.69 -16.05 1.90
CA ASP B 56 -12.89 -15.09 2.65
C ASP B 56 -11.95 -14.41 1.67
N PRO B 57 -12.48 -13.52 0.83
CA PRO B 57 -11.67 -12.92 -0.24
C PRO B 57 -10.48 -12.13 0.28
N ASN B 58 -10.60 -11.50 1.45
N ASN B 58 -10.65 -11.47 1.43
CA ASN B 58 -9.45 -10.79 1.99
CA ASN B 58 -9.52 -10.79 2.05
C ASN B 58 -8.39 -11.74 2.53
C ASN B 58 -8.42 -11.79 2.37
N PHE B 59 -8.80 -12.94 2.95
CA PHE B 59 -7.82 -13.97 3.29
C PHE B 59 -7.10 -14.47 2.04
N VAL B 60 -7.83 -14.64 0.93
CA VAL B 60 -7.16 -15.09 -0.29
C VAL B 60 -6.08 -14.09 -0.70
N ARG B 61 -6.42 -12.80 -0.67
CA ARG B 61 -5.41 -11.79 -1.01
C ARG B 61 -4.25 -11.80 -0.04
N THR B 62 -4.55 -11.81 1.27
N THR B 62 -4.53 -11.87 1.27
CA THR B 62 -3.48 -11.85 2.28
CA THR B 62 -3.44 -11.81 2.23
C THR B 62 -2.57 -13.04 2.06
C THR B 62 -2.57 -13.06 2.19
N PHE B 63 -3.18 -14.22 1.91
CA PHE B 63 -2.39 -15.45 1.76
C PHE B 63 -1.53 -15.40 0.50
N LEU B 64 -2.14 -15.07 -0.65
CA LEU B 64 -1.37 -15.07 -1.90
C LEU B 64 -0.30 -13.99 -1.92
N THR B 65 -0.49 -12.90 -1.17
CA THR B 65 0.54 -11.86 -1.10
C THR B 65 1.74 -12.31 -0.28
N THR B 66 1.53 -13.09 0.80
CA THR B 66 2.56 -13.31 1.82
C THR B 66 3.05 -14.74 1.97
N TYR B 67 2.48 -15.72 1.24
CA TYR B 67 2.74 -17.12 1.62
C TYR B 67 4.18 -17.55 1.37
N ARG B 68 4.94 -16.85 0.54
CA ARG B 68 6.25 -17.39 0.19
C ARG B 68 7.23 -17.34 1.36
N SER B 69 6.89 -16.61 2.43
CA SER B 69 7.66 -16.62 3.66
C SER B 69 7.51 -17.92 4.44
N PHE B 70 6.56 -18.79 4.08
CA PHE B 70 6.40 -20.05 4.79
C PHE B 70 6.11 -21.25 3.90
N CYS B 71 5.96 -21.08 2.59
CA CYS B 71 5.64 -22.18 1.69
C CYS B 71 6.14 -21.83 0.30
N LYS B 72 6.82 -22.78 -0.36
CA LYS B 72 7.29 -22.49 -1.71
C LYS B 72 6.14 -22.55 -2.71
N PRO B 73 6.21 -21.79 -3.81
CA PRO B 73 5.15 -21.85 -4.83
C PRO B 73 4.84 -23.26 -5.33
N GLN B 74 5.86 -24.09 -5.58
CA GLN B 74 5.62 -25.45 -6.05
C GLN B 74 4.86 -26.25 -5.00
N GLU B 75 5.17 -26.04 -3.73
CA GLU B 75 4.51 -26.78 -2.67
C GLU B 75 3.08 -26.30 -2.48
N LEU B 76 2.85 -24.97 -2.61
CA LEU B 76 1.48 -24.47 -2.54
C LEU B 76 0.60 -25.12 -3.60
N LEU B 77 1.10 -25.21 -4.83
CA LEU B 77 0.28 -25.82 -5.89
C LEU B 77 -0.02 -27.28 -5.57
N SER B 78 0.98 -28.03 -5.12
CA SER B 78 0.72 -29.42 -4.71
C SER B 78 -0.37 -29.50 -3.64
N LEU B 79 -0.32 -28.60 -2.66
CA LEU B 79 -1.28 -28.66 -1.58
C LEU B 79 -2.69 -28.28 -2.04
N ILE B 80 -2.83 -27.32 -2.95
CA ILE B 80 -4.21 -27.00 -3.32
C ILE B 80 -4.77 -28.06 -4.28
N ILE B 81 -3.90 -28.74 -5.05
CA ILE B 81 -4.38 -29.87 -5.84
C ILE B 81 -4.84 -31.00 -4.93
N GLU B 82 -4.08 -31.27 -3.86
CA GLU B 82 -4.50 -32.25 -2.85
C GLU B 82 -5.83 -31.84 -2.21
N ARG B 83 -5.99 -30.54 -1.91
CA ARG B 83 -7.26 -30.06 -1.34
C ARG B 83 -8.43 -30.32 -2.30
N PHE B 84 -8.21 -30.15 -3.60
CA PHE B 84 -9.26 -30.26 -4.61
C PHE B 84 -9.78 -31.67 -4.73
N GLU B 85 -8.93 -32.67 -4.49
CA GLU B 85 -9.25 -34.06 -4.81
C GLU B 85 -9.91 -34.72 -3.61
N ILE B 86 -11.21 -34.48 -3.47
CA ILE B 86 -11.98 -34.87 -2.29
C ILE B 86 -12.68 -36.20 -2.57
N PRO B 87 -12.53 -37.19 -1.71
CA PRO B 87 -13.21 -38.46 -1.94
C PRO B 87 -14.69 -38.37 -1.61
N GLU B 88 -15.54 -39.10 -2.42
CA GLU B 88 -16.97 -39.12 -2.14
C GLU B 88 -17.29 -40.24 -1.17
N PRO B 89 -18.32 -40.06 -0.34
CA PRO B 89 -18.67 -41.11 0.63
C PRO B 89 -19.33 -42.32 -0.03
N GLU B 90 -19.24 -43.46 0.64
CA GLU B 90 -19.88 -44.68 0.17
C GLU B 90 -21.39 -44.65 0.40
N PRO B 91 -22.15 -45.48 -0.33
CA PRO B 91 -23.61 -45.52 -0.10
C PRO B 91 -23.94 -45.87 1.34
N THR B 92 -25.02 -45.27 1.86
CA THR B 92 -25.48 -45.51 3.22
C THR B 92 -26.36 -46.76 3.28
N GLU B 93 -26.74 -47.12 4.52
CA GLU B 93 -27.57 -48.31 4.71
C GLU B 93 -28.87 -48.23 3.91
N ALA B 94 -29.54 -47.05 3.92
CA ALA B 94 -30.78 -46.93 3.17
C ALA B 94 -30.54 -47.05 1.67
N ASP B 95 -29.40 -46.53 1.18
CA ASP B 95 -29.07 -46.70 -0.23
C ASP B 95 -28.85 -48.17 -0.56
N ARG B 96 -28.15 -48.91 0.32
N ARG B 96 -28.15 -48.88 0.33
CA ARG B 96 -27.90 -50.32 0.05
CA ARG B 96 -27.87 -50.29 0.15
C ARG B 96 -29.19 -51.11 -0.02
C ARG B 96 -29.16 -51.09 0.01
N ILE B 97 -30.12 -50.85 0.90
CA ILE B 97 -31.38 -51.58 0.90
C ILE B 97 -32.17 -51.29 -0.36
N ALA B 98 -32.16 -50.04 -0.83
CA ALA B 98 -32.83 -49.72 -2.10
C ALA B 98 -32.21 -50.50 -3.25
N ILE B 99 -30.88 -50.50 -3.34
CA ILE B 99 -30.20 -51.18 -4.43
C ILE B 99 -30.47 -52.69 -4.38
N GLU B 100 -30.51 -53.26 -3.18
CA GLU B 100 -30.78 -54.69 -3.07
C GLU B 100 -32.18 -55.05 -3.56
N ASN B 101 -33.08 -54.08 -3.60
CA ASN B 101 -34.44 -54.30 -4.10
C ASN B 101 -34.62 -53.87 -5.55
N GLY B 102 -33.53 -53.56 -6.26
CA GLY B 102 -33.62 -53.14 -7.64
C GLY B 102 -34.07 -51.72 -7.85
N ASP B 103 -34.14 -50.91 -6.78
CA ASP B 103 -34.61 -49.54 -6.87
C ASP B 103 -33.43 -48.57 -6.92
N GLN B 104 -33.72 -47.36 -7.37
CA GLN B 104 -32.68 -46.33 -7.39
C GLN B 104 -32.54 -45.73 -5.98
N PRO B 105 -31.33 -45.64 -5.44
CA PRO B 105 -31.17 -45.06 -4.10
C PRO B 105 -31.42 -43.56 -4.12
N LEU B 106 -31.84 -43.04 -2.97
CA LEU B 106 -32.04 -41.60 -2.84
C LEU B 106 -30.71 -40.86 -2.76
N SER B 107 -29.68 -41.52 -2.22
CA SER B 107 -28.33 -40.95 -2.08
C SER B 107 -28.35 -39.58 -1.41
N ALA B 108 -29.18 -39.43 -0.38
CA ALA B 108 -29.38 -38.12 0.22
C ALA B 108 -28.07 -37.58 0.81
N GLU B 109 -27.33 -38.42 1.53
CA GLU B 109 -26.09 -37.96 2.16
C GLU B 109 -25.03 -37.62 1.11
N LEU B 110 -24.93 -38.44 0.07
CA LEU B 110 -23.97 -38.19 -1.01
C LEU B 110 -24.27 -36.86 -1.71
N LYS B 111 -25.54 -36.64 -2.05
CA LYS B 111 -25.91 -35.41 -2.75
C LYS B 111 -25.65 -34.18 -1.89
N ARG B 112 -25.94 -34.25 -0.58
CA ARG B 112 -25.65 -33.14 0.30
C ARG B 112 -24.14 -32.88 0.39
N PHE B 113 -23.34 -33.94 0.52
CA PHE B 113 -21.89 -33.75 0.61
C PHE B 113 -21.35 -33.10 -0.68
N ARG B 114 -21.86 -33.51 -1.83
CA ARG B 114 -21.44 -32.87 -3.09
C ARG B 114 -21.81 -31.39 -3.10
N LYS B 115 -23.03 -31.07 -2.70
CA LYS B 115 -23.55 -29.71 -2.81
C LYS B 115 -22.94 -28.79 -1.76
N GLU B 116 -22.71 -29.30 -0.55
CA GLU B 116 -22.33 -28.44 0.56
C GLU B 116 -20.87 -28.56 0.99
N TYR B 117 -20.16 -29.59 0.54
CA TYR B 117 -18.73 -29.70 0.82
C TYR B 117 -17.90 -29.68 -0.44
N ILE B 118 -18.09 -30.64 -1.36
CA ILE B 118 -17.17 -30.78 -2.50
C ILE B 118 -17.25 -29.56 -3.41
N GLN B 119 -18.47 -29.19 -3.84
CA GLN B 119 -18.57 -28.08 -4.79
C GLN B 119 -18.09 -26.75 -4.22
N PRO B 120 -18.42 -26.36 -2.99
CA PRO B 120 -17.84 -25.09 -2.48
C PRO B 120 -16.32 -25.15 -2.31
N VAL B 121 -15.78 -26.24 -1.78
CA VAL B 121 -14.32 -26.32 -1.60
C VAL B 121 -13.63 -26.28 -2.95
N GLN B 122 -14.15 -27.03 -3.93
CA GLN B 122 -13.50 -27.06 -5.24
C GLN B 122 -13.58 -25.70 -5.92
N LEU B 123 -14.72 -25.03 -5.82
CA LEU B 123 -14.84 -23.70 -6.41
C LEU B 123 -13.90 -22.72 -5.72
N ARG B 124 -13.74 -22.86 -4.41
CA ARG B 124 -12.85 -21.94 -3.70
C ARG B 124 -11.38 -22.25 -3.99
N VAL B 125 -11.03 -23.52 -4.25
CA VAL B 125 -9.69 -23.81 -4.76
C VAL B 125 -9.48 -23.12 -6.10
N LEU B 126 -10.47 -23.21 -7.00
CA LEU B 126 -10.33 -22.54 -8.29
C LEU B 126 -10.23 -21.02 -8.14
N ASN B 127 -10.93 -20.45 -7.15
CA ASN B 127 -10.80 -19.01 -6.93
C ASN B 127 -9.40 -18.65 -6.48
N VAL B 128 -8.76 -19.50 -5.68
CA VAL B 128 -7.35 -19.26 -5.34
C VAL B 128 -6.50 -19.27 -6.59
N CYS B 129 -6.72 -20.28 -7.46
CA CYS B 129 -5.95 -20.35 -8.71
C CYS B 129 -6.19 -19.12 -9.57
N ARG B 130 -7.43 -18.68 -9.68
CA ARG B 130 -7.77 -17.51 -10.49
C ARG B 130 -7.09 -16.26 -9.95
N HIS B 131 -7.15 -16.05 -8.63
CA HIS B 131 -6.49 -14.87 -8.05
C HIS B 131 -4.98 -14.97 -8.20
N TRP B 132 -4.44 -16.18 -8.05
CA TRP B 132 -2.99 -16.40 -8.17
C TRP B 132 -2.52 -15.97 -9.56
N VAL B 133 -3.22 -16.42 -10.60
CA VAL B 133 -2.82 -16.10 -11.98
C VAL B 133 -3.07 -14.63 -12.28
N GLU B 134 -4.19 -14.09 -11.81
CA GLU B 134 -4.53 -12.73 -12.22
C GLU B 134 -3.70 -11.67 -11.50
N HIS B 135 -3.39 -11.88 -10.22
CA HIS B 135 -2.81 -10.83 -9.39
C HIS B 135 -1.43 -11.15 -8.84
N HIS B 136 -0.94 -12.37 -9.02
CA HIS B 136 0.37 -12.77 -8.51
C HIS B 136 1.10 -13.61 -9.55
N PHE B 137 0.96 -13.20 -10.82
CA PHE B 137 1.49 -13.98 -11.93
C PHE B 137 3.00 -14.07 -11.93
N TYR B 138 3.70 -13.23 -11.15
CA TYR B 138 5.16 -13.29 -11.15
C TYR B 138 5.69 -14.64 -10.74
N ASP B 139 4.96 -15.41 -9.90
CA ASP B 139 5.43 -16.76 -9.58
C ASP B 139 5.61 -17.60 -10.84
N PHE B 140 4.71 -17.43 -11.80
CA PHE B 140 4.74 -18.21 -13.03
C PHE B 140 5.71 -17.62 -14.06
N GLU B 141 5.92 -16.29 -14.02
CA GLU B 141 6.94 -15.70 -14.89
C GLU B 141 8.33 -16.18 -14.50
N ARG B 142 8.55 -16.43 -13.21
CA ARG B 142 9.87 -16.79 -12.72
C ARG B 142 10.11 -18.29 -12.67
N ASP B 143 9.07 -19.10 -12.88
CA ASP B 143 9.19 -20.57 -12.82
C ASP B 143 8.28 -21.13 -13.90
N ALA B 144 8.83 -21.37 -15.10
CA ALA B 144 8.03 -21.88 -16.21
C ALA B 144 7.43 -23.24 -15.89
N TYR B 145 8.12 -24.06 -15.11
CA TYR B 145 7.56 -25.37 -14.78
C TYR B 145 6.34 -25.24 -13.87
N LEU B 146 6.33 -24.26 -12.96
CA LEU B 146 5.13 -24.02 -12.16
C LEU B 146 3.95 -23.69 -13.05
N LEU B 147 4.17 -22.89 -14.10
CA LEU B 147 3.08 -22.54 -15.00
C LEU B 147 2.57 -23.77 -15.74
N GLN B 148 3.48 -24.62 -16.21
CA GLN B 148 3.07 -25.86 -16.84
C GLN B 148 2.18 -26.69 -15.92
N ARG B 149 2.56 -26.82 -14.65
CA ARG B 149 1.77 -27.60 -13.71
C ARG B 149 0.38 -27.01 -13.52
N MET B 150 0.30 -25.67 -13.40
CA MET B 150 -1.00 -25.02 -13.25
C MET B 150 -1.86 -25.23 -14.51
N GLU B 151 -1.27 -25.08 -15.69
CA GLU B 151 -2.03 -25.28 -16.92
C GLU B 151 -2.57 -26.71 -17.01
N GLU B 152 -1.75 -27.69 -16.60
N GLU B 152 -1.73 -27.69 -16.63
CA GLU B 152 -2.16 -29.09 -16.68
CA GLU B 152 -2.16 -29.08 -16.67
C GLU B 152 -3.23 -29.43 -15.65
C GLU B 152 -3.28 -29.35 -15.67
N PHE B 153 -3.13 -28.86 -14.45
CA PHE B 153 -4.17 -29.07 -13.43
C PHE B 153 -5.51 -28.51 -13.90
N ILE B 154 -5.52 -27.23 -14.29
CA ILE B 154 -6.77 -26.59 -14.71
C ILE B 154 -7.34 -27.29 -15.93
N GLY B 155 -6.49 -27.59 -16.90
CA GLY B 155 -6.94 -28.17 -18.15
C GLY B 155 -7.42 -29.60 -18.06
N THR B 156 -7.24 -30.27 -16.92
CA THR B 156 -7.71 -31.64 -16.75
C THR B 156 -8.79 -31.80 -15.68
N VAL B 157 -9.35 -30.69 -15.16
CA VAL B 157 -10.50 -30.80 -14.27
C VAL B 157 -11.73 -31.23 -15.07
N ARG B 158 -12.36 -32.31 -14.64
CA ARG B 158 -13.52 -32.87 -15.35
C ARG B 158 -14.83 -32.50 -14.64
N GLY B 159 -15.94 -32.77 -15.31
CA GLY B 159 -17.22 -32.63 -14.64
C GLY B 159 -17.83 -31.25 -14.81
N LYS B 160 -19.16 -31.20 -14.96
CA LYS B 160 -19.77 -29.98 -15.49
C LYS B 160 -19.95 -28.90 -14.46
N ALA B 161 -19.91 -29.20 -13.15
CA ALA B 161 -20.15 -28.14 -12.17
C ALA B 161 -19.07 -27.07 -12.23
N MET B 162 -17.83 -27.45 -12.47
CA MET B 162 -16.71 -26.50 -12.52
C MET B 162 -16.39 -26.02 -13.93
N LYS B 163 -17.10 -26.51 -14.95
CA LYS B 163 -16.65 -26.34 -16.34
C LYS B 163 -16.53 -24.88 -16.76
N LYS B 164 -17.49 -24.04 -16.38
CA LYS B 164 -17.43 -22.63 -16.79
C LYS B 164 -16.16 -21.95 -16.27
N TRP B 165 -15.79 -22.23 -15.02
CA TRP B 165 -14.65 -21.55 -14.45
C TRP B 165 -13.33 -22.16 -14.92
N VAL B 166 -13.31 -23.47 -15.19
CA VAL B 166 -12.09 -24.10 -15.72
C VAL B 166 -11.78 -23.56 -17.11
N GLU B 167 -12.80 -23.48 -17.97
CA GLU B 167 -12.55 -22.96 -19.31
C GLU B 167 -12.15 -21.49 -19.26
N SER B 168 -12.74 -20.72 -18.33
CA SER B 168 -12.37 -19.31 -18.17
C SER B 168 -10.93 -19.18 -17.69
N ILE B 169 -10.55 -19.95 -16.66
CA ILE B 169 -9.19 -19.80 -16.12
C ILE B 169 -8.15 -20.21 -17.15
N THR B 170 -8.45 -21.24 -17.96
CA THR B 170 -7.54 -21.59 -19.05
C THR B 170 -7.29 -20.41 -19.97
N LYS B 171 -8.35 -19.68 -20.35
CA LYS B 171 -8.18 -18.53 -21.22
C LYS B 171 -7.43 -17.40 -20.53
N ILE B 172 -7.70 -17.17 -19.24
CA ILE B 172 -7.01 -16.10 -18.52
C ILE B 172 -5.51 -16.37 -18.48
N ILE B 173 -5.11 -17.61 -18.20
CA ILE B 173 -3.69 -17.96 -18.19
C ILE B 173 -3.07 -17.66 -19.55
N GLN B 174 -3.74 -18.05 -20.63
CA GLN B 174 -3.15 -17.83 -21.94
C GLN B 174 -3.03 -16.35 -22.25
N ARG B 175 -4.02 -15.55 -21.83
N ARG B 175 -4.00 -15.54 -21.83
CA ARG B 175 -3.94 -14.10 -22.00
CA ARG B 175 -3.90 -14.10 -22.03
C ARG B 175 -2.77 -13.51 -21.22
C ARG B 175 -2.77 -13.49 -21.21
N LYS B 176 -2.60 -13.95 -19.96
CA LYS B 176 -1.54 -13.42 -19.11
C LYS B 176 -0.16 -13.74 -19.68
N LYS B 177 -0.02 -14.83 -20.43
CA LYS B 177 1.28 -15.21 -20.97
C LYS B 177 1.77 -14.22 -22.02
N ILE B 178 0.87 -13.69 -22.86
CA ILE B 178 1.29 -12.77 -23.91
C ILE B 178 1.06 -11.32 -23.56
N ALA B 179 0.59 -11.03 -22.35
CA ALA B 179 0.36 -9.65 -21.92
C ALA B 179 1.66 -9.04 -21.39
N ASN B 187 -6.85 1.34 -20.80
CA ASN B 187 -7.86 2.21 -21.38
C ASN B 187 -8.76 2.80 -20.29
N ILE B 188 -8.83 4.13 -20.20
CA ILE B 188 -9.45 4.84 -19.09
C ILE B 188 -10.56 5.74 -19.61
N THR B 189 -11.68 5.79 -18.89
CA THR B 189 -12.80 6.67 -19.25
C THR B 189 -13.16 7.57 -18.06
N PHE B 190 -13.50 8.84 -18.35
CA PHE B 190 -13.67 9.85 -17.31
C PHE B 190 -15.03 10.53 -17.33
N GLN B 191 -15.40 11.07 -16.16
CA GLN B 191 -16.60 11.88 -16.00
C GLN B 191 -16.53 13.21 -16.74
N SER B 192 -15.34 13.72 -17.05
CA SER B 192 -15.18 15.02 -17.68
C SER B 192 -13.92 15.03 -18.52
N SER B 193 -13.69 16.17 -19.24
CA SER B 193 -12.47 16.37 -19.98
C SER B 193 -11.38 16.96 -19.07
N PRO B 194 -10.13 16.59 -19.30
CA PRO B 194 -9.03 17.18 -18.53
C PRO B 194 -8.89 18.65 -18.84
N PRO B 195 -8.35 19.44 -17.92
CA PRO B 195 -8.18 20.88 -18.19
C PRO B 195 -7.14 21.12 -19.27
N THR B 196 -7.20 22.31 -19.84
CA THR B 196 -6.27 22.71 -20.89
C THR B 196 -4.85 22.85 -20.32
N VAL B 197 -3.87 22.37 -21.09
CA VAL B 197 -2.46 22.51 -20.70
C VAL B 197 -2.09 23.99 -20.69
N GLU B 198 -1.36 24.42 -19.66
CA GLU B 198 -1.00 25.82 -19.48
C GLU B 198 0.45 26.08 -19.86
N TRP B 199 0.68 27.22 -20.51
CA TRP B 199 2.01 27.62 -20.97
C TRP B 199 2.34 29.02 -20.46
N HIS B 200 3.64 29.28 -20.29
CA HIS B 200 4.15 30.53 -19.72
C HIS B 200 5.18 31.07 -20.71
N ILE B 201 6.45 31.23 -20.31
CA ILE B 201 7.47 31.78 -21.21
C ILE B 201 7.84 30.76 -22.29
N SER B 202 8.13 29.53 -21.89
CA SER B 202 8.41 28.46 -22.85
C SER B 202 7.12 28.14 -23.61
N ARG B 203 7.23 28.05 -24.94
CA ARG B 203 6.06 27.75 -25.74
C ARG B 203 6.10 26.31 -26.24
N PRO B 204 4.97 25.75 -26.68
CA PRO B 204 4.96 24.34 -27.09
C PRO B 204 6.01 24.05 -28.14
N GLY B 205 6.73 22.93 -27.96
CA GLY B 205 7.75 22.51 -28.89
C GLY B 205 9.13 23.08 -28.66
N HIS B 206 9.29 24.04 -27.75
CA HIS B 206 10.56 24.72 -27.53
C HIS B 206 11.26 24.19 -26.28
N ILE B 207 11.58 22.89 -26.35
CA ILE B 207 12.05 22.16 -25.18
C ILE B 207 13.38 22.70 -24.68
N GLU B 208 14.17 23.33 -25.57
CA GLU B 208 15.47 23.86 -25.18
C GLU B 208 15.37 25.01 -24.18
N THR B 209 14.21 25.68 -24.09
CA THR B 209 14.03 26.76 -23.13
C THR B 209 13.36 26.31 -21.83
N PHE B 210 12.92 25.05 -21.74
CA PHE B 210 12.23 24.56 -20.55
C PHE B 210 13.12 24.71 -19.31
N ASP B 211 12.56 25.22 -18.23
CA ASP B 211 13.28 25.39 -16.97
C ASP B 211 12.25 25.70 -15.88
N LEU B 212 12.74 25.77 -14.65
CA LEU B 212 11.86 25.98 -13.50
C LEU B 212 10.99 27.22 -13.65
N LEU B 213 11.57 28.33 -14.13
CA LEU B 213 10.84 29.61 -14.17
C LEU B 213 10.16 29.87 -15.51
N THR B 214 10.48 29.11 -16.55
CA THR B 214 9.92 29.35 -17.88
C THR B 214 8.72 28.46 -18.21
N LEU B 215 8.65 27.25 -17.64
CA LEU B 215 7.41 26.49 -17.72
C LEU B 215 6.37 27.09 -16.76
N HIS B 216 5.10 26.83 -17.04
CA HIS B 216 4.05 27.32 -16.16
C HIS B 216 4.05 26.52 -14.87
N PRO B 217 4.05 27.17 -13.70
CA PRO B 217 4.09 26.38 -12.45
C PRO B 217 2.90 25.44 -12.31
N ILE B 218 1.71 25.80 -12.81
CA ILE B 218 0.59 24.86 -12.78
C ILE B 218 0.95 23.60 -13.55
N GLU B 219 1.55 23.77 -14.72
CA GLU B 219 1.81 22.63 -15.58
C GLU B 219 3.01 21.82 -15.09
N ILE B 220 4.00 22.48 -14.47
CA ILE B 220 5.06 21.71 -13.79
C ILE B 220 4.43 20.76 -12.77
N ALA B 221 3.53 21.27 -11.93
CA ALA B 221 2.94 20.43 -10.90
C ALA B 221 2.06 19.32 -11.51
N ARG B 222 1.31 19.65 -12.57
CA ARG B 222 0.47 18.62 -13.21
C ARG B 222 1.31 17.50 -13.83
N GLN B 223 2.37 17.86 -14.57
CA GLN B 223 3.14 16.83 -15.27
C GLN B 223 3.98 16.01 -14.30
N LEU B 224 4.49 16.64 -13.24
CA LEU B 224 5.18 15.85 -12.21
C LEU B 224 4.19 14.94 -11.49
N THR B 225 2.95 15.39 -11.30
CA THR B 225 1.95 14.53 -10.64
C THR B 225 1.61 13.31 -11.50
N LEU B 226 1.44 13.51 -12.82
CA LEU B 226 1.23 12.35 -13.70
C LEU B 226 2.42 11.39 -13.63
N LEU B 227 3.64 11.91 -13.68
CA LEU B 227 4.83 11.06 -13.61
C LEU B 227 4.90 10.30 -12.28
N GLU B 228 4.67 11.03 -11.17
CA GLU B 228 4.79 10.41 -9.85
C GLU B 228 3.64 9.45 -9.57
N SER B 229 2.45 9.75 -10.08
CA SER B 229 1.33 8.80 -10.00
C SER B 229 1.64 7.50 -10.75
N ASP B 230 2.13 7.62 -11.99
CA ASP B 230 2.51 6.41 -12.73
C ASP B 230 3.57 5.60 -11.98
N LEU B 231 4.59 6.27 -11.41
CA LEU B 231 5.60 5.55 -10.64
C LEU B 231 5.00 4.87 -9.42
N TYR B 232 4.10 5.57 -8.71
CA TYR B 232 3.44 4.97 -7.53
C TYR B 232 2.64 3.73 -7.92
N ARG B 233 1.87 3.84 -9.01
CA ARG B 233 0.97 2.78 -9.42
C ARG B 233 1.70 1.55 -9.93
N ALA B 234 2.97 1.68 -10.32
CA ALA B 234 3.70 0.56 -10.88
C ALA B 234 4.31 -0.37 -9.82
N VAL B 235 4.31 0.00 -8.54
CA VAL B 235 4.98 -0.81 -7.51
C VAL B 235 4.08 -1.98 -7.13
N GLN B 236 4.58 -3.19 -7.26
CA GLN B 236 3.82 -4.40 -6.94
C GLN B 236 4.20 -4.93 -5.56
N PRO B 237 3.31 -5.69 -4.90
CA PRO B 237 3.65 -6.22 -3.58
C PRO B 237 4.87 -7.11 -3.57
N SER B 238 5.18 -7.77 -4.70
CA SER B 238 6.37 -8.59 -4.80
C SER B 238 7.65 -7.81 -4.52
N GLU B 239 7.62 -6.49 -4.69
N GLU B 239 7.63 -6.49 -4.70
CA GLU B 239 8.79 -5.65 -4.42
CA GLU B 239 8.81 -5.67 -4.43
C GLU B 239 8.91 -5.30 -2.95
C GLU B 239 8.91 -5.28 -2.95
N LEU B 240 7.93 -5.67 -2.13
CA LEU B 240 7.82 -5.22 -0.74
C LEU B 240 7.88 -6.36 0.26
N VAL B 241 7.16 -7.46 0.02
CA VAL B 241 7.14 -8.54 0.99
C VAL B 241 8.54 -9.12 1.18
N GLY B 242 8.84 -9.51 2.42
CA GLY B 242 10.19 -9.98 2.71
C GLY B 242 11.24 -8.89 2.81
N SER B 243 10.82 -7.62 2.85
CA SER B 243 11.71 -6.46 2.95
C SER B 243 12.78 -6.47 1.86
N VAL B 244 12.43 -6.97 0.67
CA VAL B 244 13.46 -7.25 -0.33
C VAL B 244 14.10 -5.98 -0.89
N TRP B 245 13.46 -4.81 -0.76
CA TRP B 245 14.05 -3.56 -1.27
C TRP B 245 15.22 -3.08 -0.41
N THR B 246 15.45 -3.70 0.75
CA THR B 246 16.57 -3.36 1.60
C THR B 246 17.73 -4.33 1.48
N LYS B 247 17.56 -5.44 0.76
CA LYS B 247 18.52 -6.54 0.76
C LYS B 247 19.47 -6.44 -0.44
N GLU B 248 20.45 -7.36 -0.49
CA GLU B 248 21.51 -7.24 -1.48
C GLU B 248 21.00 -7.29 -2.91
N ASP B 249 19.92 -8.02 -3.17
CA ASP B 249 19.35 -8.13 -4.52
C ASP B 249 18.24 -7.11 -4.78
N LYS B 250 18.25 -5.96 -4.09
CA LYS B 250 17.15 -5.01 -4.23
C LYS B 250 16.95 -4.53 -5.67
N GLU B 251 18.03 -4.39 -6.45
CA GLU B 251 17.84 -3.89 -7.81
C GLU B 251 17.10 -4.90 -8.67
N ILE B 252 17.24 -6.19 -8.35
CA ILE B 252 16.53 -7.25 -9.07
C ILE B 252 15.09 -7.34 -8.61
N ASN B 253 14.86 -7.28 -7.30
CA ASN B 253 13.55 -7.60 -6.76
C ASN B 253 12.63 -6.40 -6.60
N SER B 254 13.18 -5.17 -6.54
CA SER B 254 12.35 -3.98 -6.31
C SER B 254 12.61 -2.85 -7.30
N PRO B 255 12.69 -3.15 -8.61
CA PRO B 255 13.09 -2.09 -9.56
C PRO B 255 12.10 -0.95 -9.70
N ASN B 256 10.78 -1.22 -9.66
CA ASN B 256 9.82 -0.12 -9.79
C ASN B 256 9.82 0.76 -8.54
N LEU B 257 9.92 0.15 -7.35
CA LEU B 257 10.01 0.96 -6.14
C LEU B 257 11.25 1.84 -6.17
N LEU B 258 12.40 1.28 -6.54
CA LEU B 258 13.63 2.07 -6.54
C LEU B 258 13.57 3.18 -7.58
N LYS B 259 12.98 2.91 -8.75
N LYS B 259 12.97 2.91 -8.76
CA LYS B 259 12.80 3.97 -9.75
CA LYS B 259 12.82 3.98 -9.75
C LYS B 259 11.97 5.11 -9.18
C LYS B 259 11.96 5.12 -9.19
N MET B 260 10.90 4.78 -8.45
CA MET B 260 10.04 5.80 -7.86
C MET B 260 10.81 6.65 -6.84
N ILE B 261 11.57 5.99 -5.96
CA ILE B 261 12.33 6.72 -4.94
C ILE B 261 13.40 7.59 -5.59
N ARG B 262 14.08 7.06 -6.61
CA ARG B 262 15.14 7.84 -7.24
C ARG B 262 14.60 9.05 -7.97
N HIS B 263 13.40 8.96 -8.54
CA HIS B 263 12.76 10.16 -9.09
C HIS B 263 12.55 11.22 -8.00
N THR B 264 11.97 10.81 -6.87
CA THR B 264 11.73 11.74 -5.76
C THR B 264 13.02 12.40 -5.30
N THR B 265 14.10 11.61 -5.17
CA THR B 265 15.37 12.15 -4.73
C THR B 265 15.92 13.14 -5.75
N ASN B 266 15.83 12.80 -7.04
CA ASN B 266 16.34 13.69 -8.08
C ASN B 266 15.58 15.01 -8.10
N LEU B 267 14.26 14.98 -7.95
CA LEU B 267 13.51 16.25 -7.98
C LEU B 267 13.86 17.10 -6.77
N THR B 268 13.98 16.49 -5.59
CA THR B 268 14.39 17.26 -4.41
C THR B 268 15.74 17.93 -4.64
N LEU B 269 16.71 17.18 -5.17
CA LEU B 269 18.04 17.76 -5.42
C LEU B 269 17.97 18.83 -6.51
N TRP B 270 17.11 18.65 -7.52
CA TRP B 270 16.97 19.68 -8.54
C TRP B 270 16.44 20.98 -7.93
N PHE B 271 15.44 20.88 -7.04
CA PHE B 271 14.95 22.07 -6.36
C PHE B 271 16.07 22.76 -5.59
N GLU B 272 16.85 21.99 -4.83
CA GLU B 272 17.98 22.56 -4.10
C GLU B 272 18.97 23.23 -5.04
N LYS B 273 19.30 22.57 -6.15
CA LYS B 273 20.28 23.12 -7.09
C LYS B 273 19.75 24.41 -7.74
N CYS B 274 18.48 24.43 -8.13
CA CYS B 274 17.91 25.66 -8.69
C CYS B 274 18.06 26.82 -7.72
N ILE B 275 17.86 26.55 -6.42
CA ILE B 275 17.90 27.61 -5.42
C ILE B 275 19.33 28.13 -5.24
N VAL B 276 20.27 27.23 -4.91
CA VAL B 276 21.60 27.71 -4.50
C VAL B 276 22.45 28.14 -5.69
N GLU B 277 22.15 27.70 -6.91
CA GLU B 277 22.88 28.22 -8.06
C GLU B 277 22.34 29.55 -8.55
N THR B 278 21.27 30.06 -7.94
CA THR B 278 20.75 31.40 -8.24
C THR B 278 21.39 32.33 -7.21
N GLU B 279 22.51 32.95 -7.59
CA GLU B 279 23.31 33.71 -6.63
C GLU B 279 22.73 35.08 -6.30
N ASN B 280 22.08 35.74 -7.25
CA ASN B 280 21.43 37.02 -6.98
C ASN B 280 20.27 36.82 -6.00
N LEU B 281 20.22 37.63 -4.93
CA LEU B 281 19.21 37.43 -3.89
C LEU B 281 17.80 37.59 -4.43
N GLU B 282 17.52 38.67 -5.17
CA GLU B 282 16.18 38.90 -5.70
C GLU B 282 15.75 37.76 -6.62
N GLU B 283 16.65 37.29 -7.47
CA GLU B 283 16.29 36.16 -8.33
C GLU B 283 16.06 34.90 -7.51
N ARG B 284 16.84 34.71 -6.43
CA ARG B 284 16.68 33.49 -5.64
C ARG B 284 15.37 33.50 -4.87
N VAL B 285 14.91 34.67 -4.42
CA VAL B 285 13.59 34.79 -3.83
C VAL B 285 12.52 34.38 -4.82
N ALA B 286 12.67 34.79 -6.09
CA ALA B 286 11.70 34.40 -7.12
C ALA B 286 11.69 32.89 -7.33
N VAL B 287 12.88 32.26 -7.30
CA VAL B 287 12.97 30.81 -7.44
C VAL B 287 12.28 30.10 -6.28
N VAL B 288 12.58 30.51 -5.04
CA VAL B 288 11.95 29.86 -3.89
C VAL B 288 10.44 30.06 -3.91
N SER B 289 9.99 31.28 -4.22
N SER B 289 9.99 31.28 -4.21
CA SER B 289 8.56 31.56 -4.31
CA SER B 289 8.56 31.54 -4.32
C SER B 289 7.90 30.68 -5.37
C SER B 289 7.91 30.65 -5.36
N ARG B 290 8.56 30.47 -6.51
CA ARG B 290 7.97 29.63 -7.55
C ARG B 290 7.84 28.19 -7.09
N ILE B 291 8.82 27.69 -6.34
CA ILE B 291 8.75 26.31 -5.86
C ILE B 291 7.61 26.16 -4.84
N ILE B 292 7.37 27.18 -4.01
CA ILE B 292 6.25 27.12 -3.07
C ILE B 292 4.91 27.16 -3.83
N GLU B 293 4.85 27.87 -4.97
CA GLU B 293 3.63 27.81 -5.78
C GLU B 293 3.41 26.41 -6.35
N ILE B 294 4.47 25.76 -6.80
CA ILE B 294 4.35 24.38 -7.26
C ILE B 294 3.84 23.49 -6.14
N LEU B 295 4.36 23.70 -4.92
N LEU B 295 4.38 23.70 -4.93
CA LEU B 295 3.89 22.96 -3.76
CA LEU B 295 3.89 22.99 -3.75
C LEU B 295 2.39 23.18 -3.52
C LEU B 295 2.39 23.18 -3.57
N GLN B 296 1.91 24.43 -3.70
CA GLN B 296 0.48 24.70 -3.54
C GLN B 296 -0.36 23.87 -4.51
N VAL B 297 0.10 23.73 -5.76
CA VAL B 297 -0.67 22.95 -6.72
C VAL B 297 -0.57 21.46 -6.40
N PHE B 298 0.61 20.98 -5.98
CA PHE B 298 0.72 19.60 -5.48
C PHE B 298 -0.33 19.33 -4.39
N GLN B 299 -0.46 20.25 -3.43
CA GLN B 299 -1.48 20.08 -2.38
C GLN B 299 -2.88 20.00 -2.98
N GLU B 300 -3.19 20.87 -3.94
CA GLU B 300 -4.51 20.86 -4.56
C GLU B 300 -4.78 19.54 -5.28
N LEU B 301 -3.74 18.92 -5.83
CA LEU B 301 -3.86 17.66 -6.55
C LEU B 301 -3.75 16.44 -5.66
N ASN B 302 -3.60 16.61 -4.35
CA ASN B 302 -3.35 15.50 -3.41
C ASN B 302 -2.09 14.72 -3.79
N ASN B 303 -1.08 15.39 -4.37
CA ASN B 303 0.19 14.71 -4.64
C ASN B 303 1.09 14.90 -3.43
N PHE B 304 0.96 13.99 -2.46
CA PHE B 304 1.72 14.13 -1.23
C PHE B 304 3.19 13.80 -1.41
N ASN B 305 3.51 12.89 -2.35
CA ASN B 305 4.91 12.70 -2.70
C ASN B 305 5.54 14.02 -3.15
N GLY B 306 4.83 14.75 -4.02
CA GLY B 306 5.35 16.04 -4.49
C GLY B 306 5.45 17.06 -3.38
N VAL B 307 4.44 17.12 -2.50
CA VAL B 307 4.52 18.02 -1.34
C VAL B 307 5.79 17.75 -0.55
N LEU B 308 6.08 16.48 -0.26
CA LEU B 308 7.24 16.21 0.57
C LEU B 308 8.55 16.37 -0.19
N GLU B 309 8.55 16.19 -1.52
CA GLU B 309 9.74 16.52 -2.32
C GLU B 309 10.14 17.96 -2.09
N VAL B 310 9.15 18.86 -2.05
CA VAL B 310 9.44 20.28 -1.86
C VAL B 310 9.87 20.54 -0.42
N VAL B 311 9.12 20.01 0.54
CA VAL B 311 9.45 20.22 1.94
C VAL B 311 10.86 19.69 2.26
N SER B 312 11.22 18.50 1.74
CA SER B 312 12.57 17.99 1.97
C SER B 312 13.64 18.93 1.41
N ALA B 313 13.37 19.54 0.25
CA ALA B 313 14.34 20.48 -0.31
C ALA B 313 14.46 21.72 0.58
N MET B 314 13.33 22.23 1.09
CA MET B 314 13.38 23.44 1.91
C MET B 314 14.05 23.18 3.25
N ASN B 315 13.99 21.95 3.75
CA ASN B 315 14.64 21.59 5.01
C ASN B 315 16.06 21.07 4.84
N SER B 316 16.57 21.01 3.62
CA SER B 316 17.92 20.51 3.41
C SER B 316 18.93 21.48 3.99
N SER B 317 20.11 20.97 4.35
CA SER B 317 21.15 21.83 4.90
C SER B 317 21.48 23.04 4.03
N PRO B 318 21.63 22.94 2.70
CA PRO B 318 21.98 24.14 1.93
C PRO B 318 20.88 25.18 1.87
N VAL B 319 19.61 24.77 1.93
CA VAL B 319 18.51 25.71 1.71
C VAL B 319 17.99 26.28 3.02
N TYR B 320 17.90 25.44 4.06
CA TYR B 320 17.30 25.84 5.31
C TYR B 320 17.99 27.07 5.91
N ARG B 321 19.29 27.20 5.69
CA ARG B 321 20.07 28.27 6.32
C ARG B 321 19.98 29.61 5.60
N LEU B 322 19.19 29.72 4.52
CA LEU B 322 19.19 30.93 3.67
C LEU B 322 18.22 31.98 4.22
N ASP B 323 18.55 32.50 5.41
CA ASP B 323 17.64 33.40 6.12
C ASP B 323 17.31 34.66 5.32
N HIS B 324 18.28 35.20 4.57
CA HIS B 324 18.01 36.42 3.81
C HIS B 324 16.99 36.17 2.71
N THR B 325 16.99 34.96 2.14
CA THR B 325 16.02 34.60 1.10
C THR B 325 14.64 34.42 1.70
N PHE B 326 14.52 33.63 2.76
CA PHE B 326 13.19 33.34 3.30
C PHE B 326 12.60 34.56 3.98
N GLU B 327 13.42 35.53 4.37
CA GLU B 327 12.87 36.76 4.95
C GLU B 327 12.02 37.53 3.94
N GLN B 328 12.30 37.40 2.65
CA GLN B 328 11.57 38.17 1.65
C GLN B 328 10.39 37.42 1.06
N ILE B 329 10.14 36.17 1.49
CA ILE B 329 9.01 35.41 0.94
C ILE B 329 7.71 36.00 1.46
N PRO B 330 6.70 36.20 0.61
CA PRO B 330 5.42 36.76 1.09
C PRO B 330 4.82 35.93 2.22
N SER B 331 4.14 36.62 3.13
N SER B 331 4.01 36.60 3.04
CA SER B 331 3.63 35.97 4.33
CA SER B 331 3.37 35.95 4.17
C SER B 331 2.74 34.78 4.00
C SER B 331 2.44 34.81 3.74
N ARG B 332 1.89 34.93 2.98
N ARG B 332 1.73 34.98 2.63
CA ARG B 332 0.97 33.84 2.64
CA ARG B 332 0.81 33.92 2.22
C ARG B 332 1.74 32.60 2.19
C ARG B 332 1.56 32.67 1.77
N GLN B 333 2.84 32.79 1.44
CA GLN B 333 3.65 31.64 1.04
C GLN B 333 4.40 31.04 2.21
N LYS B 334 4.81 31.86 3.19
CA LYS B 334 5.33 31.30 4.43
C LYS B 334 4.31 30.36 5.06
N LYS B 335 3.04 30.75 5.03
CA LYS B 335 2.00 29.93 5.66
C LYS B 335 1.79 28.63 4.90
N ILE B 336 1.87 28.67 3.57
CA ILE B 336 1.76 27.44 2.78
C ILE B 336 2.88 26.47 3.12
N LEU B 337 4.11 26.96 3.20
CA LEU B 337 5.23 26.08 3.50
C LEU B 337 5.14 25.55 4.93
N GLU B 338 4.76 26.41 5.88
N GLU B 338 4.73 26.40 5.88
CA GLU B 338 4.58 25.99 7.26
CA GLU B 338 4.60 25.94 7.27
C GLU B 338 3.60 24.83 7.38
C GLU B 338 3.52 24.86 7.39
N GLU B 339 2.43 24.98 6.77
N GLU B 339 2.38 25.05 6.74
CA GLU B 339 1.42 23.94 6.90
CA GLU B 339 1.35 24.02 6.76
C GLU B 339 1.78 22.66 6.13
C GLU B 339 1.91 22.71 6.22
N ALA B 340 2.60 22.77 5.08
CA ALA B 340 3.13 21.57 4.45
C ALA B 340 4.17 20.89 5.35
N HIS B 341 5.05 21.67 5.98
CA HIS B 341 6.01 21.10 6.91
C HIS B 341 5.32 20.43 8.10
N GLU B 342 4.20 21.01 8.57
CA GLU B 342 3.51 20.43 9.71
C GLU B 342 2.91 19.06 9.41
N LEU B 343 2.70 18.71 8.14
CA LEU B 343 2.22 17.36 7.83
C LEU B 343 3.17 16.28 8.35
N SER B 344 4.48 16.56 8.39
CA SER B 344 5.46 15.54 8.74
C SER B 344 5.77 15.51 10.24
N GLU B 345 5.36 16.52 10.99
CA GLU B 345 5.65 16.59 12.42
C GLU B 345 4.96 15.45 13.17
N ASP B 346 5.50 15.15 14.36
CA ASP B 346 4.95 14.14 15.24
C ASP B 346 4.72 12.82 14.50
N HIS B 347 5.77 12.37 13.80
CA HIS B 347 5.74 11.10 13.09
C HIS B 347 4.59 11.05 12.08
N TYR B 348 4.48 12.13 11.29
CA TYR B 348 3.54 12.24 10.16
C TYR B 348 2.07 12.20 10.61
N LYS B 349 1.79 12.66 11.83
CA LYS B 349 0.43 12.55 12.35
C LYS B 349 -0.58 13.25 11.44
N LYS B 350 -0.30 14.50 11.04
CA LYS B 350 -1.27 15.23 10.21
C LYS B 350 -1.31 14.72 8.78
N TYR B 351 -0.16 14.27 8.24
CA TYR B 351 -0.18 13.62 6.93
C TYR B 351 -1.10 12.40 6.92
N LEU B 352 -0.96 11.52 7.91
CA LEU B 352 -1.76 10.29 7.91
C LEU B 352 -3.25 10.61 7.98
N ALA B 353 -3.62 11.59 8.80
CA ALA B 353 -5.01 12.02 8.89
C ALA B 353 -5.49 12.63 7.58
N LYS B 354 -4.63 13.42 6.91
CA LYS B 354 -5.04 14.06 5.66
C LYS B 354 -5.23 13.03 4.55
N LEU B 355 -4.29 12.08 4.43
CA LEU B 355 -4.42 11.04 3.41
C LEU B 355 -5.73 10.29 3.54
N ARG B 356 -6.14 10.00 4.77
CA ARG B 356 -7.36 9.23 5.04
C ARG B 356 -8.62 10.07 4.91
N SER B 357 -8.50 11.38 4.66
CA SER B 357 -9.67 12.22 4.52
C SER B 357 -9.92 12.71 3.10
N ILE B 358 -8.92 12.72 2.22
CA ILE B 358 -9.11 13.36 0.91
C ILE B 358 -9.93 12.47 -0.02
N ASN B 359 -10.34 13.06 -1.15
CA ASN B 359 -10.99 12.32 -2.21
C ASN B 359 -9.95 11.99 -3.26
N PRO B 360 -9.63 10.72 -3.49
CA PRO B 360 -8.63 10.37 -4.51
C PRO B 360 -9.11 10.81 -5.89
N PRO B 361 -8.21 10.88 -6.88
CA PRO B 361 -6.82 10.39 -6.89
C PRO B 361 -5.85 11.15 -6.01
N CYS B 362 -4.85 10.44 -5.52
CA CYS B 362 -3.76 11.03 -4.75
C CYS B 362 -2.49 10.27 -5.07
N VAL B 363 -1.35 10.82 -4.66
CA VAL B 363 -0.07 10.13 -4.70
C VAL B 363 0.48 10.09 -3.27
N PRO B 364 0.35 8.97 -2.59
CA PRO B 364 0.89 8.87 -1.22
C PRO B 364 2.40 9.00 -1.21
N PHE B 365 2.92 9.38 -0.04
CA PHE B 365 4.35 9.22 0.25
C PHE B 365 4.62 7.77 0.62
N PHE B 366 5.53 7.10 -0.11
CA PHE B 366 5.73 5.66 0.11
C PHE B 366 6.57 5.34 1.34
N GLY B 367 7.40 6.27 1.82
CA GLY B 367 8.38 5.93 2.83
C GLY B 367 7.80 5.38 4.11
N ILE B 368 6.64 5.91 4.53
CA ILE B 368 6.00 5.42 5.76
C ILE B 368 5.59 3.97 5.61
N TYR B 369 5.05 3.60 4.43
CA TYR B 369 4.70 2.21 4.19
C TYR B 369 5.93 1.30 4.30
N LEU B 370 7.06 1.74 3.74
CA LEU B 370 8.27 0.92 3.78
C LEU B 370 8.72 0.69 5.21
N THR B 371 8.76 1.75 6.02
CA THR B 371 9.17 1.58 7.42
C THR B 371 8.21 0.66 8.17
N ASN B 372 6.90 0.77 7.92
CA ASN B 372 5.95 -0.07 8.65
C ASN B 372 6.02 -1.52 8.21
N ILE B 373 6.24 -1.79 6.91
CA ILE B 373 6.42 -3.18 6.48
C ILE B 373 7.69 -3.77 7.08
N LEU B 374 8.80 -3.02 7.01
N LEU B 374 8.80 -3.02 7.00
CA LEU B 374 10.08 -3.52 7.52
CA LEU B 374 10.07 -3.52 7.53
C LEU B 374 9.99 -3.84 9.01
C LEU B 374 9.96 -3.85 9.02
N LYS B 375 9.40 -2.93 9.80
CA LYS B 375 9.34 -3.14 11.24
C LYS B 375 8.36 -4.23 11.62
N THR B 376 7.27 -4.38 10.86
CA THR B 376 6.36 -5.52 11.10
C THR B 376 7.09 -6.84 10.87
N GLU B 377 7.89 -6.91 9.79
N GLU B 377 7.93 -6.91 9.82
CA GLU B 377 8.64 -8.13 9.49
CA GLU B 377 8.60 -8.16 9.53
C GLU B 377 9.68 -8.41 10.59
C GLU B 377 9.76 -8.43 10.48
N GLU B 378 10.43 -7.38 10.96
CA GLU B 378 11.55 -7.56 11.88
C GLU B 378 11.09 -7.76 13.33
N GLY B 379 9.92 -7.25 13.69
CA GLY B 379 9.48 -7.22 15.06
C GLY B 379 8.53 -8.32 15.48
N ASN B 380 8.24 -9.28 14.59
CA ASN B 380 7.34 -10.38 14.90
C ASN B 380 7.97 -11.69 14.46
N PRO B 381 7.78 -12.77 15.21
CA PRO B 381 8.40 -14.05 14.86
C PRO B 381 7.68 -14.76 13.72
N GLU B 382 8.46 -15.52 12.95
CA GLU B 382 7.89 -16.30 11.85
C GLU B 382 6.95 -17.39 12.36
N VAL B 383 7.26 -18.00 13.50
CA VAL B 383 6.46 -19.10 14.01
C VAL B 383 6.09 -18.84 15.46
N LEU B 384 5.01 -19.48 15.89
CA LEU B 384 4.64 -19.54 17.30
C LEU B 384 4.76 -20.99 17.75
N LYS B 385 5.37 -21.20 18.91
CA LYS B 385 5.54 -22.54 19.47
C LYS B 385 4.42 -22.82 20.46
N ARG B 386 3.65 -23.87 20.20
CA ARG B 386 2.50 -24.22 21.01
C ARG B 386 2.40 -25.73 21.13
N HIS B 387 2.38 -26.24 22.36
CA HIS B 387 2.18 -27.67 22.62
C HIS B 387 3.21 -28.52 21.88
N GLY B 388 4.45 -28.02 21.81
CA GLY B 388 5.52 -28.71 21.11
C GLY B 388 5.52 -28.56 19.60
N LYS B 389 4.54 -27.89 19.02
CA LYS B 389 4.44 -27.74 17.58
C LYS B 389 4.85 -26.32 17.18
N GLU B 390 5.35 -26.18 15.96
CA GLU B 390 5.62 -24.87 15.40
C GLU B 390 4.48 -24.53 14.46
N LEU B 391 3.80 -23.43 14.73
CA LEU B 391 2.70 -22.96 13.91
C LEU B 391 3.14 -21.69 13.19
N ILE B 392 2.73 -21.57 11.92
CA ILE B 392 3.01 -20.33 11.18
C ILE B 392 2.29 -19.17 11.85
N ASN B 393 3.04 -18.11 12.15
CA ASN B 393 2.47 -16.89 12.72
C ASN B 393 1.75 -16.12 11.61
N PHE B 394 0.45 -16.38 11.43
CA PHE B 394 -0.23 -15.73 10.33
C PHE B 394 -0.62 -14.28 10.62
N SER B 395 -0.82 -13.94 11.90
N SER B 395 -0.84 -13.94 11.90
N SER B 395 -0.79 -13.92 11.90
CA SER B 395 -1.14 -12.55 12.26
CA SER B 395 -1.13 -12.57 12.27
CA SER B 395 -1.16 -12.54 12.23
C SER B 395 -0.08 -11.60 11.70
C SER B 395 -0.09 -11.60 11.72
C SER B 395 -0.07 -11.56 11.79
N LYS B 396 1.19 -12.01 11.73
CA LYS B 396 2.25 -11.16 11.20
C LYS B 396 2.06 -10.91 9.70
N ARG B 397 1.66 -11.97 8.96
CA ARG B 397 1.44 -11.83 7.52
C ARG B 397 0.20 -10.98 7.25
N ARG B 398 -0.85 -11.13 8.06
CA ARG B 398 -2.02 -10.27 7.92
C ARG B 398 -1.65 -8.79 8.08
N LYS B 399 -0.79 -8.46 9.04
CA LYS B 399 -0.39 -7.06 9.22
C LYS B 399 0.35 -6.52 8.01
N VAL B 400 1.27 -7.32 7.44
CA VAL B 400 1.95 -6.89 6.22
C VAL B 400 0.95 -6.67 5.09
N ALA B 401 0.00 -7.59 4.92
CA ALA B 401 -0.96 -7.46 3.83
C ALA B 401 -1.96 -6.33 4.05
N GLU B 402 -2.17 -5.91 5.29
CA GLU B 402 -3.00 -4.72 5.50
C GLU B 402 -2.31 -3.50 4.91
N ILE B 403 -0.98 -3.45 5.03
CA ILE B 403 -0.23 -2.33 4.45
C ILE B 403 -0.21 -2.41 2.93
N THR B 404 0.10 -3.58 2.37
CA THR B 404 0.07 -3.68 0.91
C THR B 404 -1.33 -3.45 0.35
N GLY B 405 -2.37 -3.80 1.11
CA GLY B 405 -3.73 -3.52 0.66
C GLY B 405 -4.03 -2.03 0.62
N GLU B 406 -3.53 -1.28 1.61
N GLU B 406 -3.55 -1.28 1.61
CA GLU B 406 -3.71 0.18 1.62
CA GLU B 406 -3.73 0.17 1.59
C GLU B 406 -2.97 0.83 0.45
C GLU B 406 -3.01 0.77 0.39
N ILE B 407 -1.76 0.33 0.14
CA ILE B 407 -1.03 0.82 -1.02
C ILE B 407 -1.85 0.59 -2.28
N GLN B 408 -2.35 -0.63 -2.46
CA GLN B 408 -3.08 -0.98 -3.68
C GLN B 408 -4.36 -0.15 -3.81
N GLN B 409 -5.01 0.16 -2.69
CA GLN B 409 -6.27 0.91 -2.79
C GLN B 409 -6.04 2.28 -3.42
N TYR B 410 -4.91 2.93 -3.12
CA TYR B 410 -4.63 4.24 -3.74
C TYR B 410 -4.03 4.12 -5.14
N GLN B 411 -3.73 2.91 -5.62
CA GLN B 411 -3.20 2.73 -6.97
C GLN B 411 -4.31 2.64 -8.02
N ASN B 412 -5.58 2.62 -7.60
CA ASN B 412 -6.65 2.33 -8.55
C ASN B 412 -7.08 3.56 -9.33
N GLN B 413 -7.10 4.74 -8.69
CA GLN B 413 -7.77 5.92 -9.24
C GLN B 413 -6.84 6.71 -10.16
N PRO B 414 -7.19 6.92 -11.42
CA PRO B 414 -6.32 7.68 -12.33
C PRO B 414 -6.60 9.17 -12.31
N TYR B 415 -5.57 9.97 -12.61
CA TYR B 415 -5.73 11.42 -12.69
C TYR B 415 -6.33 11.84 -14.02
N CYS B 416 -7.27 12.78 -13.96
CA CYS B 416 -7.87 13.36 -15.18
C CYS B 416 -7.06 14.60 -15.58
N LEU B 417 -5.85 14.33 -16.07
CA LEU B 417 -4.91 15.36 -16.52
C LEU B 417 -4.30 14.88 -17.83
N ARG B 418 -4.08 15.80 -18.76
CA ARG B 418 -3.50 15.45 -20.05
C ARG B 418 -1.98 15.46 -19.99
N VAL B 419 -1.36 14.42 -20.56
CA VAL B 419 0.10 14.38 -20.66
C VAL B 419 0.57 15.40 -21.70
N GLU B 420 1.66 16.10 -21.39
CA GLU B 420 2.41 16.89 -22.37
C GLU B 420 3.74 16.18 -22.57
N SER B 421 3.93 15.59 -23.75
N SER B 421 3.93 15.58 -23.74
CA SER B 421 5.03 14.65 -23.95
CA SER B 421 5.04 14.64 -23.91
C SER B 421 6.40 15.31 -23.78
C SER B 421 6.41 15.31 -23.77
N ASP B 422 6.53 16.57 -24.19
CA ASP B 422 7.82 17.26 -24.07
C ASP B 422 8.12 17.65 -22.62
N ILE B 423 7.12 18.12 -21.88
CA ILE B 423 7.35 18.43 -20.47
C ILE B 423 7.62 17.15 -19.69
N LYS B 424 6.91 16.07 -20.02
N LYS B 424 6.89 16.09 -20.01
CA LYS B 424 7.16 14.79 -19.38
CA LYS B 424 7.15 14.77 -19.41
C LYS B 424 8.60 14.33 -19.61
C LYS B 424 8.60 14.34 -19.62
N ARG B 425 9.08 14.43 -20.86
CA ARG B 425 10.45 14.02 -21.17
C ARG B 425 11.47 14.88 -20.43
N PHE B 426 11.20 16.19 -20.32
CA PHE B 426 12.10 17.07 -19.59
C PHE B 426 12.29 16.60 -18.15
N PHE B 427 11.20 16.25 -17.47
CA PHE B 427 11.33 15.81 -16.09
C PHE B 427 11.84 14.38 -15.97
N GLU B 428 11.56 13.53 -16.96
CA GLU B 428 12.14 12.19 -16.92
C GLU B 428 13.65 12.22 -17.08
N ASN B 429 14.18 13.19 -17.81
CA ASN B 429 15.61 13.26 -18.10
C ASN B 429 16.37 14.17 -17.15
N LEU B 430 15.69 14.77 -16.16
CA LEU B 430 16.36 15.62 -15.18
C LEU B 430 17.48 14.85 -14.49
N ASN B 431 18.66 15.46 -14.37
CA ASN B 431 19.81 14.79 -13.78
C ASN B 431 20.70 15.81 -13.07
N PRO B 432 20.24 16.35 -11.94
CA PRO B 432 20.99 17.44 -11.30
C PRO B 432 22.40 17.07 -10.87
N MET B 433 22.64 15.82 -10.49
N MET B 433 22.65 15.82 -10.49
CA MET B 433 23.99 15.45 -10.04
CA MET B 433 23.98 15.44 -10.04
C MET B 433 24.98 15.28 -11.19
C MET B 433 24.97 15.27 -11.19
N GLY B 434 24.49 15.11 -12.43
CA GLY B 434 25.42 14.90 -13.52
C GLY B 434 26.19 13.60 -13.33
N ASN B 435 27.50 13.65 -13.59
CA ASN B 435 28.37 12.49 -13.35
C ASN B 435 28.97 12.47 -11.96
N SER B 436 28.58 13.40 -11.08
CA SER B 436 29.19 13.49 -9.76
C SER B 436 28.62 12.43 -8.82
N MET B 437 29.44 12.00 -7.88
CA MET B 437 28.94 11.13 -6.82
C MET B 437 28.17 11.96 -5.78
N GLU B 438 27.40 11.26 -4.95
CA GLU B 438 26.47 11.95 -4.04
C GLU B 438 27.19 12.89 -3.07
N LYS B 439 28.26 12.40 -2.42
CA LYS B 439 28.92 13.26 -1.43
C LYS B 439 29.51 14.50 -2.07
N GLU B 440 30.23 14.30 -3.17
N GLU B 440 30.15 14.34 -3.23
CA GLU B 440 30.72 15.38 -4.03
CA GLU B 440 30.75 15.50 -3.90
C GLU B 440 29.66 16.43 -4.26
C GLU B 440 29.68 16.48 -4.38
N PHE B 441 28.50 15.98 -4.78
CA PHE B 441 27.45 16.89 -5.19
C PHE B 441 26.82 17.61 -3.99
N THR B 442 26.52 16.89 -2.91
CA THR B 442 25.86 17.59 -1.80
C THR B 442 26.83 18.52 -1.08
N ASP B 443 28.14 18.21 -1.08
CA ASP B 443 29.13 19.18 -0.61
C ASP B 443 29.15 20.42 -1.50
N TYR B 444 29.04 20.23 -2.82
CA TYR B 444 28.98 21.37 -3.74
C TYR B 444 27.80 22.28 -3.42
N LEU B 445 26.61 21.69 -3.21
CA LEU B 445 25.44 22.50 -2.88
C LEU B 445 25.63 23.26 -1.57
N PHE B 446 26.24 22.62 -0.57
CA PHE B 446 26.43 23.33 0.69
C PHE B 446 27.45 24.44 0.53
N ASN B 447 28.53 24.21 -0.23
CA ASN B 447 29.50 25.28 -0.45
C ASN B 447 28.90 26.43 -1.24
N LYS B 448 28.00 26.16 -2.19
N LYS B 448 27.97 26.15 -2.16
CA LYS B 448 27.30 27.25 -2.87
CA LYS B 448 27.28 27.20 -2.88
C LYS B 448 26.46 28.05 -1.89
C LYS B 448 26.41 28.01 -1.93
N SER B 449 25.76 27.35 -0.97
CA SER B 449 24.97 28.06 0.05
C SER B 449 25.86 29.00 0.87
N LEU B 450 27.04 28.53 1.29
CA LEU B 450 27.94 29.38 2.05
C LEU B 450 28.44 30.55 1.21
N GLU B 451 28.60 30.35 -0.09
CA GLU B 451 29.04 31.44 -0.97
C GLU B 451 28.00 32.54 -1.04
N ILE B 452 26.73 32.17 -1.28
CA ILE B 452 25.72 33.17 -1.57
C ILE B 452 25.17 33.82 -0.29
N GLU B 453 25.22 33.15 0.85
CA GLU B 453 24.85 33.76 2.14
C GLU B 453 25.87 33.28 3.17
N PRO B 454 26.99 33.99 3.31
CA PRO B 454 28.05 33.52 4.21
C PRO B 454 27.61 33.51 5.68
N ARG B 455 28.29 32.67 6.46
N ARG B 455 28.27 32.66 6.45
CA ARG B 455 28.04 32.62 7.89
CA ARG B 455 28.03 32.60 7.89
C ARG B 455 28.36 33.96 8.54
C ARG B 455 28.37 33.93 8.55
N ASN B 456 27.51 34.38 9.47
CA ASN B 456 27.82 35.56 10.25
C ASN B 456 29.13 35.35 11.01
N PRO B 457 29.97 36.39 11.17
CA PRO B 457 29.72 37.78 10.82
C PRO B 457 30.24 38.21 9.43
N LYS B 458 30.49 37.27 8.54
CA LYS B 458 30.93 37.64 7.20
C LYS B 458 29.83 38.45 6.51
N PRO B 459 30.18 39.48 5.75
CA PRO B 459 29.15 40.31 5.12
C PRO B 459 28.48 39.59 3.96
N LEU B 460 27.26 40.01 3.68
CA LEU B 460 26.50 39.45 2.57
C LEU B 460 26.96 40.09 1.27
N PRO B 461 27.49 39.33 0.32
CA PRO B 461 27.90 39.91 -0.96
C PRO B 461 26.71 40.14 -1.87
N ARG B 462 26.98 40.84 -2.98
CA ARG B 462 26.03 41.04 -4.06
C ARG B 462 26.47 40.20 -5.26
N PHE B 463 25.51 39.75 -6.06
CA PHE B 463 25.79 38.91 -7.22
C PHE B 463 24.98 39.40 -8.41
N PRO B 464 25.50 39.25 -9.63
CA PRO B 464 24.75 39.68 -10.81
C PRO B 464 23.58 38.74 -11.12
N LYS B 465 22.60 39.29 -11.84
CA LYS B 465 21.47 38.50 -12.31
C LYS B 465 21.91 37.50 -13.36
N LYS B 466 21.21 36.37 -13.42
CA LYS B 466 21.48 35.34 -14.42
C LYS B 466 20.32 35.12 -15.39
N TYR B 467 19.11 35.57 -15.08
CA TYR B 467 17.94 35.31 -15.91
C TYR B 467 17.62 36.55 -16.74
N SER B 468 17.41 36.35 -18.05
CA SER B 468 17.15 37.46 -18.95
C SER B 468 15.66 37.69 -19.20
N TYR B 469 14.81 36.82 -18.67
CA TYR B 469 13.37 36.88 -18.89
C TYR B 469 12.66 37.33 -17.62
N PRO B 470 11.38 37.70 -17.71
CA PRO B 470 10.67 38.21 -16.52
C PRO B 470 10.56 37.15 -15.42
N LEU B 471 10.77 37.59 -14.19
CA LEU B 471 10.65 36.72 -13.03
C LEU B 471 9.24 36.66 -12.45
N LYS B 472 8.33 37.50 -12.91
CA LYS B 472 7.00 37.53 -12.32
C LYS B 472 6.25 36.23 -12.61
N SER B 473 5.70 35.63 -11.56
CA SER B 473 4.98 34.38 -11.75
C SER B 473 3.62 34.62 -12.42
N PRO B 474 3.16 33.71 -13.29
CA PRO B 474 1.78 33.81 -13.77
C PRO B 474 0.75 33.38 -12.72
N GLY B 475 1.19 32.88 -11.56
CA GLY B 475 0.26 32.44 -10.54
C GLY B 475 -0.20 31.00 -10.77
N VAL B 476 -0.96 30.47 -9.82
CA VAL B 476 -1.37 29.08 -9.90
C VAL B 476 -2.89 28.90 -9.95
N ARG B 477 -3.62 29.93 -10.31
CA ARG B 477 -5.04 29.72 -10.60
C ARG B 477 -5.22 29.45 -12.10
N PRO B 478 -5.92 28.38 -12.48
CA PRO B 478 -5.98 28.02 -13.90
C PRO B 478 -6.84 28.98 -14.72
N SER B 479 -6.54 29.03 -16.02
CA SER B 479 -7.25 29.85 -16.98
C SER B 479 -8.11 28.96 -17.87
N ASN B 480 -9.14 29.54 -18.48
CA ASN B 480 -10.04 28.75 -19.33
C ASN B 480 -10.60 29.59 -20.45
N PRO B 481 -9.93 29.60 -21.61
CA PRO B 481 -10.56 30.16 -22.82
C PRO B 481 -11.66 29.22 -23.32
N ARG B 482 -12.47 29.74 -24.24
CA ARG B 482 -13.53 28.93 -24.82
C ARG B 482 -12.91 27.83 -25.68
N GLY C 1 5.87 19.15 32.88
CA GLY C 1 6.26 17.99 33.66
C GLY C 1 7.61 17.42 33.30
N MET C 2 7.63 16.17 32.83
CA MET C 2 8.87 15.47 32.61
C MET C 2 9.48 15.86 31.27
N THR C 3 10.81 15.79 31.21
CA THR C 3 11.55 16.12 30.00
C THR C 3 11.32 15.06 28.93
N GLU C 4 11.15 15.50 27.70
CA GLU C 4 11.07 14.63 26.53
C GLU C 4 12.36 14.77 25.74
N TYR C 5 12.95 13.65 25.36
CA TYR C 5 14.16 13.64 24.54
C TYR C 5 13.82 13.11 23.16
N LYS C 6 14.20 13.86 22.13
CA LYS C 6 13.96 13.45 20.75
C LYS C 6 15.23 12.81 20.21
N LEU C 7 15.20 11.48 20.07
CA LEU C 7 16.36 10.71 19.63
C LEU C 7 16.14 10.25 18.21
N VAL C 8 17.23 10.17 17.43
CA VAL C 8 17.16 9.78 16.03
C VAL C 8 18.17 8.66 15.79
N VAL C 9 17.72 7.55 15.19
CA VAL C 9 18.57 6.42 14.83
C VAL C 9 18.98 6.58 13.37
N VAL C 10 20.29 6.50 13.09
CA VAL C 10 20.79 6.60 11.72
C VAL C 10 21.74 5.46 11.45
N GLY C 11 21.86 5.08 10.18
CA GLY C 11 22.82 4.04 9.81
C GLY C 11 22.38 3.29 8.57
N ALA C 12 23.28 2.44 8.08
CA ALA C 12 23.05 1.75 6.83
C ALA C 12 21.81 0.85 6.92
N GLY C 13 21.14 0.68 5.77
CA GLY C 13 19.99 -0.21 5.73
C GLY C 13 20.39 -1.65 5.48
N GLY C 14 19.40 -2.53 5.61
CA GLY C 14 19.53 -3.94 5.26
C GLY C 14 20.35 -4.79 6.20
N VAL C 15 20.72 -4.27 7.37
CA VAL C 15 21.59 -5.01 8.28
C VAL C 15 21.06 -4.95 9.71
N GLY C 16 19.73 -4.92 9.87
CA GLY C 16 19.13 -5.13 11.19
C GLY C 16 19.06 -3.95 12.12
N LYS C 17 19.28 -2.73 11.62
CA LYS C 17 19.24 -1.53 12.43
C LYS C 17 17.95 -1.39 13.23
N SER C 18 16.80 -1.76 12.64
CA SER C 18 15.51 -1.53 13.30
C SER C 18 15.33 -2.35 14.58
N ALA C 19 16.14 -3.40 14.79
CA ALA C 19 15.97 -4.24 15.98
C ALA C 19 16.27 -3.47 17.25
N LEU C 20 17.12 -2.45 17.18
N LEU C 20 17.09 -2.42 17.18
CA LEU C 20 17.46 -1.64 18.35
CA LEU C 20 17.47 -1.67 18.38
C LEU C 20 16.22 -1.06 18.99
C LEU C 20 16.25 -1.00 19.02
N THR C 21 15.48 -0.24 18.24
CA THR C 21 14.35 0.46 18.80
C THR C 21 13.19 -0.49 19.07
N ILE C 22 12.99 -1.49 18.21
CA ILE C 22 11.93 -2.47 18.44
C ILE C 22 12.14 -3.17 19.79
N GLN C 23 13.37 -3.60 20.06
CA GLN C 23 13.61 -4.33 21.31
C GLN C 23 13.46 -3.43 22.51
N LEU C 24 13.82 -2.15 22.39
CA LEU C 24 13.65 -1.21 23.49
C LEU C 24 12.18 -1.01 23.80
N ILE C 25 11.43 -0.56 22.79
CA ILE C 25 10.04 -0.12 22.96
C ILE C 25 9.14 -1.30 23.19
N GLN C 26 9.52 -2.47 22.66
CA GLN C 26 8.71 -3.68 22.77
C GLN C 26 8.22 -3.86 24.18
N ASN C 27 7.04 -4.49 24.29
CA ASN C 27 6.84 -5.39 25.40
C ASN C 27 8.14 -6.17 25.48
N HIS C 28 9.04 -5.78 26.38
CA HIS C 28 10.34 -6.45 26.48
C HIS C 28 10.18 -7.96 26.42
N PHE C 29 9.15 -8.49 27.06
CA PHE C 29 8.98 -9.92 27.28
C PHE C 29 7.95 -10.60 26.40
N VAL C 30 7.34 -9.93 25.43
CA VAL C 30 6.62 -10.64 24.38
C VAL C 30 7.16 -10.17 23.03
N ASP C 31 7.55 -11.13 22.20
CA ASP C 31 8.14 -10.82 20.90
C ASP C 31 7.00 -10.55 19.93
N GLU C 32 6.64 -9.27 19.79
CA GLU C 32 5.50 -8.81 19.02
C GLU C 32 5.62 -7.30 18.81
N TYR C 33 5.01 -6.78 17.74
CA TYR C 33 5.15 -5.37 17.41
C TYR C 33 4.10 -4.97 16.37
N ASP C 34 3.47 -3.82 16.58
CA ASP C 34 2.69 -3.15 15.53
C ASP C 34 3.23 -1.73 15.42
N PRO C 35 4.04 -1.43 14.40
CA PRO C 35 4.64 -0.09 14.31
C PRO C 35 3.64 0.97 13.91
N THR C 36 2.48 0.58 13.38
CA THR C 36 1.48 1.55 12.97
C THR C 36 0.79 2.18 14.17
N ILE C 37 1.01 1.64 15.37
CA ILE C 37 0.25 2.07 16.54
C ILE C 37 0.86 3.36 17.08
N GLU C 38 0.05 4.43 17.03
CA GLU C 38 0.26 5.66 17.79
C GLU C 38 1.10 5.41 19.01
N ASP C 39 2.33 5.92 18.99
CA ASP C 39 3.26 5.83 20.11
C ASP C 39 3.77 4.39 20.31
N SER C 40 4.14 3.77 19.20
N SER C 40 4.14 3.75 19.21
CA SER C 40 5.03 2.60 19.20
CA SER C 40 5.04 2.60 19.27
C SER C 40 6.50 3.03 19.20
C SER C 40 6.49 3.04 19.19
N TYR C 41 6.75 4.33 19.43
CA TYR C 41 8.07 4.91 19.37
C TYR C 41 8.24 5.93 20.50
N ARG C 42 7.36 5.87 21.51
CA ARG C 42 7.45 6.68 22.71
C ARG C 42 7.48 5.78 23.92
N LYS C 43 8.39 6.07 24.86
CA LYS C 43 8.55 5.21 26.03
C LYS C 43 8.98 6.06 27.20
N GLN C 44 8.25 5.93 28.31
CA GLN C 44 8.61 6.59 29.56
C GLN C 44 9.58 5.70 30.31
N VAL C 45 10.70 6.28 30.76
CA VAL C 45 11.78 5.53 31.40
C VAL C 45 12.33 6.34 32.56
N VAL C 46 13.03 5.64 33.46
CA VAL C 46 13.73 6.26 34.58
C VAL C 46 15.22 6.04 34.39
N ILE C 47 15.96 7.12 34.23
CA ILE C 47 17.40 7.08 33.99
C ILE C 47 18.08 7.85 35.11
N ASP C 48 18.91 7.15 35.89
CA ASP C 48 19.61 7.74 37.04
C ASP C 48 18.63 8.43 37.99
N GLY C 49 17.48 7.78 38.21
CA GLY C 49 16.49 8.30 39.14
C GLY C 49 15.60 9.40 38.60
N GLU C 50 15.76 9.80 37.35
CA GLU C 50 14.98 10.89 36.78
C GLU C 50 14.07 10.34 35.68
N THR C 51 12.76 10.49 35.85
CA THR C 51 11.80 10.00 34.87
C THR C 51 11.77 10.93 33.66
N CYS C 52 11.78 10.33 32.47
CA CYS C 52 11.70 11.11 31.24
C CYS C 52 10.98 10.29 30.17
N LEU C 53 10.67 10.98 29.07
CA LEU C 53 9.98 10.38 27.93
C LEU C 53 10.92 10.36 26.73
N LEU C 54 11.13 9.19 26.16
CA LEU C 54 11.92 9.07 24.94
C LEU C 54 10.99 9.06 23.73
N ASP C 55 11.28 9.91 22.76
CA ASP C 55 10.59 9.89 21.47
C ASP C 55 11.65 9.51 20.43
N ILE C 56 11.50 8.33 19.83
CA ILE C 56 12.55 7.78 18.98
C ILE C 56 12.09 7.79 17.53
N LEU C 57 12.88 8.43 16.68
CA LEU C 57 12.66 8.41 15.23
C LEU C 57 13.60 7.38 14.60
N ASP C 58 13.04 6.34 14.00
CA ASP C 58 13.82 5.33 13.28
C ASP C 58 13.13 5.15 11.93
N THR C 59 13.70 5.72 10.87
CA THR C 59 13.14 5.63 9.52
C THR C 59 13.67 4.44 8.75
N ALA C 60 14.08 3.38 9.44
CA ALA C 60 14.55 2.16 8.80
C ALA C 60 13.64 1.78 7.64
N GLY C 61 14.26 1.45 6.50
CA GLY C 61 13.55 1.14 5.28
C GLY C 61 13.49 2.30 4.30
N GLN C 62 13.75 3.53 4.74
CA GLN C 62 13.71 4.70 3.87
C GLN C 62 15.10 5.16 3.44
N GLU C 63 16.11 4.29 3.53
CA GLU C 63 17.48 4.74 3.29
C GLU C 63 17.68 5.27 1.88
N GLU C 64 16.89 4.78 0.92
CA GLU C 64 17.08 5.25 -0.45
C GLU C 64 16.57 6.68 -0.66
N TYR C 65 15.73 7.20 0.25
CA TYR C 65 15.32 8.61 0.19
C TYR C 65 16.43 9.47 0.81
N SER C 66 17.56 9.52 0.11
CA SER C 66 18.77 10.12 0.69
C SER C 66 18.63 11.63 0.86
N ALA C 67 17.80 12.29 0.05
CA ALA C 67 17.64 13.72 0.19
C ALA C 67 16.69 14.10 1.33
N MET C 68 16.08 13.13 2.01
CA MET C 68 15.27 13.39 3.20
C MET C 68 16.05 13.27 4.49
N ARG C 69 17.31 12.83 4.44
CA ARG C 69 18.06 12.63 5.69
C ARG C 69 18.20 13.92 6.48
N ASP C 70 18.50 15.04 5.80
CA ASP C 70 18.63 16.31 6.53
C ASP C 70 17.36 16.63 7.31
N GLN C 71 16.21 16.50 6.65
CA GLN C 71 14.95 16.81 7.30
C GLN C 71 14.72 15.95 8.54
N TYR C 72 14.92 14.64 8.40
CA TYR C 72 14.74 13.74 9.53
C TYR C 72 15.73 14.05 10.66
N MET C 73 17.01 14.25 10.31
CA MET C 73 18.02 14.50 11.35
C MET C 73 17.76 15.80 12.09
N ARG C 74 17.19 16.79 11.39
CA ARG C 74 16.97 18.10 12.00
C ARG C 74 16.07 17.99 13.23
N THR C 75 15.19 16.99 13.26
CA THR C 75 14.25 16.84 14.38
C THR C 75 14.91 16.39 15.69
N GLY C 76 16.14 15.90 15.65
CA GLY C 76 16.71 15.20 16.80
C GLY C 76 17.60 16.04 17.69
N GLU C 77 17.61 15.70 18.98
CA GLU C 77 18.56 16.26 19.94
C GLU C 77 19.78 15.37 20.17
N GLY C 78 19.61 14.07 19.97
CA GLY C 78 20.71 13.14 20.16
C GLY C 78 20.56 12.03 19.14
N PHE C 79 21.68 11.39 18.80
CA PHE C 79 21.74 10.47 17.67
C PHE C 79 22.43 9.17 18.05
N LEU C 80 21.83 8.05 17.63
CA LEU C 80 22.50 6.76 17.67
C LEU C 80 22.96 6.44 16.25
N CYS C 81 24.27 6.37 16.05
CA CYS C 81 24.85 6.01 14.75
C CYS C 81 25.16 4.52 14.78
N VAL C 82 24.41 3.74 14.00
CA VAL C 82 24.40 2.28 14.10
C VAL C 82 25.09 1.66 12.88
N PHE C 83 25.97 0.69 13.13
CA PHE C 83 26.49 -0.17 12.07
C PHE C 83 26.35 -1.61 12.51
N ALA C 84 26.47 -2.53 11.55
CA ALA C 84 26.42 -3.97 11.84
C ALA C 84 27.84 -4.52 11.95
N ILE C 85 28.07 -5.32 12.99
CA ILE C 85 29.43 -5.80 13.21
C ILE C 85 29.88 -6.83 12.18
N ASN C 86 28.98 -7.32 11.32
CA ASN C 86 29.41 -8.18 10.23
C ASN C 86 29.32 -7.50 8.87
N ASN C 87 29.28 -6.16 8.83
CA ASN C 87 29.19 -5.45 7.55
C ASN C 87 30.15 -4.25 7.61
N THR C 88 31.35 -4.44 7.06
N THR C 88 31.34 -4.41 7.03
CA THR C 88 32.38 -3.40 7.13
CA THR C 88 32.34 -3.36 7.17
C THR C 88 31.94 -2.12 6.44
C THR C 88 31.94 -2.10 6.43
N LYS C 89 31.20 -2.22 5.34
CA LYS C 89 30.74 -1.02 4.64
C LYS C 89 29.89 -0.15 5.56
N SER C 90 28.99 -0.76 6.35
CA SER C 90 28.16 0.03 7.26
C SER C 90 29.01 0.73 8.31
N PHE C 91 30.13 0.13 8.71
CA PHE C 91 31.05 0.78 9.64
C PHE C 91 31.76 1.95 8.96
N GLU C 92 32.20 1.76 7.71
CA GLU C 92 32.86 2.83 6.99
C GLU C 92 31.93 4.01 6.70
N ASP C 93 30.61 3.75 6.62
CA ASP C 93 29.63 4.84 6.43
C ASP C 93 29.52 5.78 7.63
N ILE C 94 30.00 5.37 8.81
CA ILE C 94 29.72 6.14 10.02
C ILE C 94 30.28 7.55 9.92
N HIS C 95 31.50 7.69 9.38
CA HIS C 95 32.12 9.00 9.28
C HIS C 95 31.20 9.99 8.57
N GLN C 96 30.61 9.58 7.44
CA GLN C 96 29.78 10.51 6.69
C GLN C 96 28.46 10.81 7.40
N TYR C 97 27.87 9.83 8.10
CA TYR C 97 26.69 10.13 8.91
C TYR C 97 26.99 11.18 9.97
N ARG C 98 28.12 11.03 10.67
CA ARG C 98 28.47 12.00 11.72
C ARG C 98 28.70 13.38 11.14
N GLU C 99 29.39 13.46 10.00
CA GLU C 99 29.61 14.77 9.37
C GLU C 99 28.28 15.41 8.96
N GLN C 100 27.35 14.60 8.49
CA GLN C 100 26.06 15.14 8.07
C GLN C 100 25.25 15.65 9.26
N ILE C 101 25.29 14.93 10.39
CA ILE C 101 24.61 15.38 11.60
C ILE C 101 25.18 16.71 12.07
N LYS C 102 26.52 16.81 12.10
CA LYS C 102 27.15 18.06 12.52
C LYS C 102 26.72 19.22 11.64
N ARG C 103 26.61 18.98 10.34
CA ARG C 103 26.19 20.03 9.42
C ARG C 103 24.73 20.42 9.65
N VAL C 104 23.82 19.45 9.78
N VAL C 104 23.83 19.44 9.76
CA VAL C 104 22.41 19.82 9.92
CA VAL C 104 22.42 19.73 9.94
C VAL C 104 22.13 20.45 11.28
C VAL C 104 22.18 20.48 11.25
N LYS C 105 22.86 20.06 12.32
CA LYS C 105 22.68 20.70 13.62
C LYS C 105 23.53 21.95 13.77
N ASP C 106 24.42 22.21 12.82
CA ASP C 106 25.32 23.38 12.84
C ASP C 106 26.10 23.42 14.16
N SER C 107 26.67 22.27 14.51
CA SER C 107 27.44 22.18 15.75
C SER C 107 28.52 21.12 15.59
N ASP C 108 29.68 21.39 16.18
CA ASP C 108 30.76 20.41 16.23
C ASP C 108 30.63 19.45 17.40
N ASP C 109 29.65 19.65 18.28
CA ASP C 109 29.50 18.88 19.52
C ASP C 109 28.04 18.47 19.68
N VAL C 110 27.59 17.49 18.90
CA VAL C 110 26.21 17.01 18.93
C VAL C 110 26.18 15.73 19.76
N PRO C 111 25.27 15.60 20.73
CA PRO C 111 25.19 14.34 21.51
C PRO C 111 24.94 13.14 20.61
N MET C 112 25.84 12.15 20.70
CA MET C 112 25.68 10.97 19.87
C MET C 112 26.45 9.81 20.47
N VAL C 113 26.03 8.60 20.10
CA VAL C 113 26.69 7.38 20.51
C VAL C 113 26.89 6.52 19.27
N LEU C 114 27.98 5.76 19.27
CA LEU C 114 28.26 4.77 18.23
C LEU C 114 27.76 3.42 18.71
N VAL C 115 26.98 2.73 17.88
CA VAL C 115 26.39 1.44 18.25
C VAL C 115 26.81 0.38 17.24
N GLY C 116 27.45 -0.68 17.71
CA GLY C 116 27.75 -1.84 16.88
C GLY C 116 26.73 -2.92 17.17
N ASN C 117 26.00 -3.33 16.13
CA ASN C 117 24.82 -4.19 16.28
C ASN C 117 25.14 -5.58 15.73
N LYS C 118 24.88 -6.61 16.53
N LYS C 118 24.90 -6.62 16.52
CA LYS C 118 25.03 -8.01 16.10
CA LYS C 118 25.06 -8.00 16.06
C LYS C 118 23.68 -8.50 15.61
C LYS C 118 23.69 -8.48 15.61
N CYS C 119 23.50 -8.56 14.29
CA CYS C 119 22.18 -8.83 13.72
C CYS C 119 21.99 -10.28 13.30
N ASP C 120 23.04 -11.08 13.25
CA ASP C 120 22.88 -12.51 12.99
C ASP C 120 24.13 -13.24 13.47
N LEU C 121 24.23 -14.51 13.10
CA LEU C 121 25.36 -15.36 13.48
C LEU C 121 26.45 -15.39 12.41
N ALA C 122 26.31 -14.62 11.33
CA ALA C 122 27.38 -14.50 10.35
C ALA C 122 28.63 -13.93 11.01
N ALA C 123 29.77 -14.15 10.38
CA ALA C 123 31.05 -13.88 11.03
C ALA C 123 31.26 -12.39 11.24
N ARG C 124 31.70 -12.01 12.43
CA ARG C 124 32.02 -10.61 12.69
C ARG C 124 33.20 -10.17 11.82
N THR C 125 33.09 -8.99 11.22
CA THR C 125 34.17 -8.41 10.43
C THR C 125 34.71 -7.10 10.98
N VAL C 126 34.02 -6.49 11.93
CA VAL C 126 34.50 -5.28 12.61
C VAL C 126 34.79 -5.66 14.05
N GLU C 127 36.06 -5.62 14.45
CA GLU C 127 36.41 -5.98 15.81
C GLU C 127 36.08 -4.83 16.76
N SER C 128 35.82 -5.21 18.01
N SER C 128 35.85 -5.18 18.03
CA SER C 128 35.54 -4.25 19.08
CA SER C 128 35.48 -4.16 18.99
C SER C 128 36.59 -3.13 19.10
C SER C 128 36.59 -3.12 19.17
N ARG C 129 37.86 -3.51 19.02
CA ARG C 129 38.93 -2.52 19.16
C ARG C 129 38.86 -1.47 18.05
N GLN C 130 38.54 -1.88 16.81
CA GLN C 130 38.39 -0.93 15.72
C GLN C 130 37.31 0.10 16.03
N ALA C 131 36.16 -0.37 16.54
CA ALA C 131 35.05 0.52 16.82
C ALA C 131 35.35 1.41 18.04
N GLN C 132 36.01 0.86 19.06
CA GLN C 132 36.41 1.69 20.21
C GLN C 132 37.36 2.79 19.76
N ASP C 133 38.33 2.45 18.90
CA ASP C 133 39.26 3.47 18.43
C ASP C 133 38.53 4.57 17.66
N LEU C 134 37.57 4.21 16.81
CA LEU C 134 36.80 5.22 16.08
C LEU C 134 36.02 6.10 17.03
N ALA C 135 35.32 5.49 18.00
CA ALA C 135 34.53 6.26 18.96
C ALA C 135 35.42 7.22 19.74
N ARG C 136 36.59 6.74 20.17
CA ARG C 136 37.49 7.61 20.92
C ARG C 136 37.99 8.76 20.06
N SER C 137 38.25 8.51 18.77
CA SER C 137 38.71 9.59 17.90
C SER C 137 37.65 10.68 17.77
N TYR C 138 36.37 10.33 17.92
CA TYR C 138 35.26 11.27 17.87
C TYR C 138 34.89 11.85 19.23
N GLY C 139 35.39 11.27 20.33
CA GLY C 139 34.95 11.70 21.64
C GLY C 139 33.56 11.26 22.04
N ILE C 140 33.11 10.09 21.60
CA ILE C 140 31.76 9.63 21.90
C ILE C 140 31.80 8.21 22.46
N PRO C 141 30.76 7.80 23.18
CA PRO C 141 30.71 6.41 23.69
C PRO C 141 30.49 5.40 22.59
N TYR C 142 30.89 4.16 22.88
CA TYR C 142 30.64 3.00 22.02
C TYR C 142 29.88 1.95 22.81
N ILE C 143 28.78 1.45 22.25
CA ILE C 143 27.96 0.40 22.86
C ILE C 143 27.74 -0.69 21.83
N GLU C 144 27.91 -1.96 22.22
CA GLU C 144 27.54 -3.07 21.34
C GLU C 144 26.23 -3.70 21.81
N THR C 145 25.41 -4.11 20.85
CA THR C 145 24.06 -4.62 21.12
C THR C 145 23.82 -5.90 20.34
N SER C 146 22.92 -6.72 20.85
CA SER C 146 22.45 -7.90 20.13
C SER C 146 21.03 -7.63 19.62
N ALA C 147 20.79 -7.97 18.35
CA ALA C 147 19.47 -7.85 17.76
C ALA C 147 18.52 -8.95 18.19
N LYS C 148 19.01 -9.92 18.95
CA LYS C 148 18.18 -11.06 19.30
C LYS C 148 17.96 -11.24 20.80
N THR C 149 18.90 -10.84 21.66
CA THR C 149 18.81 -11.10 23.09
C THR C 149 18.49 -9.87 23.91
N ARG C 150 18.39 -8.71 23.27
CA ARG C 150 18.18 -7.40 23.88
C ARG C 150 19.39 -6.92 24.67
N GLN C 151 20.51 -7.65 24.65
CA GLN C 151 21.70 -7.17 25.37
C GLN C 151 22.20 -5.85 24.78
N GLY C 152 22.55 -4.92 25.67
CA GLY C 152 23.10 -3.63 25.26
C GLY C 152 22.09 -2.59 24.84
N VAL C 153 20.83 -2.97 24.62
CA VAL C 153 19.86 -2.05 24.04
C VAL C 153 19.56 -0.90 24.99
N GLU C 154 19.25 -1.22 26.25
N GLU C 154 19.23 -1.23 26.25
CA GLU C 154 19.00 -0.16 27.23
CA GLU C 154 19.01 -0.18 27.23
C GLU C 154 20.25 0.70 27.42
C GLU C 154 20.24 0.70 27.40
N ASP C 155 21.43 0.08 27.47
CA ASP C 155 22.68 0.84 27.62
C ASP C 155 22.84 1.85 26.49
N ALA C 156 22.50 1.47 25.26
CA ALA C 156 22.71 2.38 24.13
C ALA C 156 21.84 3.63 24.29
N PHE C 157 20.55 3.46 24.57
CA PHE C 157 19.67 4.62 24.67
C PHE C 157 19.95 5.42 25.94
N TYR C 158 20.16 4.75 27.08
CA TYR C 158 20.41 5.49 28.32
C TYR C 158 21.73 6.24 28.27
N THR C 159 22.74 5.66 27.64
CA THR C 159 24.02 6.36 27.47
C THR C 159 23.82 7.63 26.64
N LEU C 160 23.02 7.54 25.57
CA LEU C 160 22.74 8.74 24.78
C LEU C 160 22.03 9.80 25.60
N VAL C 161 21.04 9.40 26.41
CA VAL C 161 20.34 10.40 27.22
C VAL C 161 21.32 11.09 28.17
N ARG C 162 22.25 10.33 28.75
CA ARG C 162 23.27 10.93 29.60
C ARG C 162 24.16 11.90 28.83
N GLU C 163 24.46 11.59 27.56
CA GLU C 163 25.22 12.55 26.75
C GLU C 163 24.45 13.85 26.56
N ILE C 164 23.14 13.77 26.36
CA ILE C 164 22.33 14.98 26.22
C ILE C 164 22.32 15.75 27.53
N ARG C 165 22.09 15.05 28.65
CA ARG C 165 22.02 15.71 29.96
C ARG C 165 23.33 16.41 30.32
N GLN C 166 24.46 15.85 29.90
CA GLN C 166 25.76 16.38 30.27
C GLN C 166 26.36 17.26 29.19
N HIS C 167 25.60 17.59 28.16
CA HIS C 167 26.12 18.45 27.09
C HIS C 167 26.47 19.84 27.61
#